data_4O8B
# 
_entry.id   4O8B 
# 
_audit_conform.dict_name       mmcif_pdbx.dic 
_audit_conform.dict_version    5.381 
_audit_conform.dict_location   http://mmcif.pdb.org/dictionaries/ascii/mmcif_pdbx.dic 
# 
loop_
_database_2.database_id 
_database_2.database_code 
_database_2.pdbx_database_accession 
_database_2.pdbx_DOI 
PDB   4O8B         pdb_00004o8b 10.2210/pdb4o8b/pdb 
RCSB  RCSB084168   ?            ?                   
WWPDB D_1000084168 ?            ?                   
# 
_pdbx_database_status.status_code                     REL 
_pdbx_database_status.entry_id                        4O8B 
_pdbx_database_status.recvd_initial_deposition_date   2013-12-26 
_pdbx_database_status.deposit_site                    RCSB 
_pdbx_database_status.process_site                    PDBJ 
_pdbx_database_status.methods_development_category    ? 
_pdbx_database_status.status_code_sf                  REL 
_pdbx_database_status.status_code_mr                  ? 
_pdbx_database_status.SG_entry                        ? 
_pdbx_database_status.status_code_cs                  ? 
_pdbx_database_status.pdb_format_compatible           Y 
_pdbx_database_status.status_code_nmr_data            ? 
# 
loop_
_audit_author.name 
_audit_author.pdbx_ordinal 
'Ye, F.Z.'    1 
'Wang, C.'    2 
'Kumar, V.'   3 
'Zhang, L.H.' 4 
'Gao, Y.G.'   5 
# 
_citation.id                        primary 
_citation.title                     
'BswR controls bacterial motility and biofilm formation in Pseudomonas aeruginosa through modulation of the small RNA rsmZ.' 
_citation.journal_abbrev            'Nucleic Acids Res.' 
_citation.journal_volume            42 
_citation.page_first                4563 
_citation.page_last                 4576 
_citation.year                      2014 
_citation.journal_id_ASTM           NARHAD 
_citation.country                   UK 
_citation.journal_id_ISSN           1362-4962 
_citation.journal_id_CSD            0389 
_citation.book_publisher            ? 
_citation.pdbx_database_id_PubMed   24497189 
_citation.pdbx_database_id_DOI      10.1093/nar/gku106 
# 
loop_
_citation_author.citation_id 
_citation_author.name 
_citation_author.ordinal 
_citation_author.identifier_ORCID 
primary 'Wang, C.'    1 ? 
primary 'Ye, F.'      2 ? 
primary 'Kumar, V.'   3 ? 
primary 'Gao, Y.G.'   4 ? 
primary 'Zhang, L.H.' 5 ? 
# 
_cell.entry_id           4O8B 
_cell.length_a           62.965 
_cell.length_b           43.915 
_cell.length_c           35.019 
_cell.angle_alpha        90.00 
_cell.angle_beta         115.18 
_cell.angle_gamma        90.00 
_cell.Z_PDB              4 
_cell.pdbx_unique_axis   ? 
_cell.length_a_esd       ? 
_cell.length_b_esd       ? 
_cell.length_c_esd       ? 
_cell.angle_alpha_esd    ? 
_cell.angle_beta_esd     ? 
_cell.angle_gamma_esd    ? 
# 
_symmetry.entry_id                         4O8B 
_symmetry.space_group_name_H-M             'C 1 2 1' 
_symmetry.pdbx_full_space_group_name_H-M   ? 
_symmetry.cell_setting                     ? 
_symmetry.Int_Tables_number                5 
_symmetry.space_group_name_Hall            ? 
# 
loop_
_entity.id 
_entity.type 
_entity.src_method 
_entity.pdbx_description 
_entity.formula_weight 
_entity.pdbx_number_of_molecules 
_entity.pdbx_ec 
_entity.pdbx_mutation 
_entity.pdbx_fragment 
_entity.details 
1 polymer man 'Uncharacterized protein' 14113.242 1  ? ? ? ? 
2 water   nat water                     18.015    50 ? ? ? ? 
# 
_entity_name_com.entity_id   1 
_entity_name_com.name        BswR 
# 
_entity_poly.entity_id                      1 
_entity_poly.type                           'polypeptide(L)' 
_entity_poly.nstd_linkage                   no 
_entity_poly.nstd_monomer                   no 
_entity_poly.pdbx_seq_one_letter_code       
;MLGTRLKAARIRAGYSQKQLGMLVGMDEFSASARMNQYERERHSPNMRTSEQLAMVLQVPMAYLYCPEDELAELILKVSS
LTPEFKKELTRFIEQLLAAQGSTSRQPVRTRSELLEHHHHHH
;
_entity_poly.pdbx_seq_one_letter_code_can   
;MLGTRLKAARIRAGYSQKQLGMLVGMDEFSASARMNQYERERHSPNMRTSEQLAMVLQVPMAYLYCPEDELAELILKVSS
LTPEFKKELTRFIEQLLAAQGSTSRQPVRTRSELLEHHHHHH
;
_entity_poly.pdbx_strand_id                 A 
_entity_poly.pdbx_target_identifier         ? 
# 
loop_
_entity_poly_seq.entity_id 
_entity_poly_seq.num 
_entity_poly_seq.mon_id 
_entity_poly_seq.hetero 
1 1   MET n 
1 2   LEU n 
1 3   GLY n 
1 4   THR n 
1 5   ARG n 
1 6   LEU n 
1 7   LYS n 
1 8   ALA n 
1 9   ALA n 
1 10  ARG n 
1 11  ILE n 
1 12  ARG n 
1 13  ALA n 
1 14  GLY n 
1 15  TYR n 
1 16  SER n 
1 17  GLN n 
1 18  LYS n 
1 19  GLN n 
1 20  LEU n 
1 21  GLY n 
1 22  MET n 
1 23  LEU n 
1 24  VAL n 
1 25  GLY n 
1 26  MET n 
1 27  ASP n 
1 28  GLU n 
1 29  PHE n 
1 30  SER n 
1 31  ALA n 
1 32  SER n 
1 33  ALA n 
1 34  ARG n 
1 35  MET n 
1 36  ASN n 
1 37  GLN n 
1 38  TYR n 
1 39  GLU n 
1 40  ARG n 
1 41  GLU n 
1 42  ARG n 
1 43  HIS n 
1 44  SER n 
1 45  PRO n 
1 46  ASN n 
1 47  MET n 
1 48  ARG n 
1 49  THR n 
1 50  SER n 
1 51  GLU n 
1 52  GLN n 
1 53  LEU n 
1 54  ALA n 
1 55  MET n 
1 56  VAL n 
1 57  LEU n 
1 58  GLN n 
1 59  VAL n 
1 60  PRO n 
1 61  MET n 
1 62  ALA n 
1 63  TYR n 
1 64  LEU n 
1 65  TYR n 
1 66  CYS n 
1 67  PRO n 
1 68  GLU n 
1 69  ASP n 
1 70  GLU n 
1 71  LEU n 
1 72  ALA n 
1 73  GLU n 
1 74  LEU n 
1 75  ILE n 
1 76  LEU n 
1 77  LYS n 
1 78  VAL n 
1 79  SER n 
1 80  SER n 
1 81  LEU n 
1 82  THR n 
1 83  PRO n 
1 84  GLU n 
1 85  PHE n 
1 86  LYS n 
1 87  LYS n 
1 88  GLU n 
1 89  LEU n 
1 90  THR n 
1 91  ARG n 
1 92  PHE n 
1 93  ILE n 
1 94  GLU n 
1 95  GLN n 
1 96  LEU n 
1 97  LEU n 
1 98  ALA n 
1 99  ALA n 
1 100 GLN n 
1 101 GLY n 
1 102 SER n 
1 103 THR n 
1 104 SER n 
1 105 ARG n 
1 106 GLN n 
1 107 PRO n 
1 108 VAL n 
1 109 ARG n 
1 110 THR n 
1 111 ARG n 
1 112 SER n 
1 113 GLU n 
1 114 LEU n 
1 115 LEU n 
1 116 GLU n 
1 117 HIS n 
1 118 HIS n 
1 119 HIS n 
1 120 HIS n 
1 121 HIS n 
1 122 HIS n 
# 
_entity_src_gen.entity_id                          1 
_entity_src_gen.pdbx_src_id                        1 
_entity_src_gen.pdbx_alt_source_flag               sample 
_entity_src_gen.pdbx_seq_type                      ? 
_entity_src_gen.pdbx_beg_seq_num                   ? 
_entity_src_gen.pdbx_end_seq_num                   ? 
_entity_src_gen.gene_src_common_name               ? 
_entity_src_gen.gene_src_genus                     ? 
_entity_src_gen.pdbx_gene_src_gene                 PA2780 
_entity_src_gen.gene_src_species                   ? 
_entity_src_gen.gene_src_strain                    PAO1 
_entity_src_gen.gene_src_tissue                    ? 
_entity_src_gen.gene_src_tissue_fraction           ? 
_entity_src_gen.gene_src_details                   ? 
_entity_src_gen.pdbx_gene_src_fragment             ? 
_entity_src_gen.pdbx_gene_src_scientific_name      'Pseudomonas aeruginosa' 
_entity_src_gen.pdbx_gene_src_ncbi_taxonomy_id     208964 
_entity_src_gen.pdbx_gene_src_variant              ? 
_entity_src_gen.pdbx_gene_src_cell_line            ? 
_entity_src_gen.pdbx_gene_src_atcc                 ? 
_entity_src_gen.pdbx_gene_src_organ                ? 
_entity_src_gen.pdbx_gene_src_organelle            ? 
_entity_src_gen.pdbx_gene_src_cell                 ? 
_entity_src_gen.pdbx_gene_src_cellular_location    ? 
_entity_src_gen.host_org_common_name               ? 
_entity_src_gen.pdbx_host_org_scientific_name      'Escherichia coli' 
_entity_src_gen.pdbx_host_org_ncbi_taxonomy_id     562 
_entity_src_gen.host_org_genus                     ? 
_entity_src_gen.pdbx_host_org_gene                 ? 
_entity_src_gen.pdbx_host_org_organ                ? 
_entity_src_gen.host_org_species                   ? 
_entity_src_gen.pdbx_host_org_tissue               ? 
_entity_src_gen.pdbx_host_org_tissue_fraction      ? 
_entity_src_gen.pdbx_host_org_strain               'BL21(DE3)' 
_entity_src_gen.pdbx_host_org_variant              ? 
_entity_src_gen.pdbx_host_org_cell_line            ? 
_entity_src_gen.pdbx_host_org_atcc                 ? 
_entity_src_gen.pdbx_host_org_culture_collection   ? 
_entity_src_gen.pdbx_host_org_cell                 ? 
_entity_src_gen.pdbx_host_org_organelle            ? 
_entity_src_gen.pdbx_host_org_cellular_location    ? 
_entity_src_gen.pdbx_host_org_vector_type          plasmid 
_entity_src_gen.pdbx_host_org_vector               ? 
_entity_src_gen.host_org_details                   ? 
_entity_src_gen.expression_system_id               ? 
_entity_src_gen.plasmid_name                       pET26M 
_entity_src_gen.plasmid_details                    ? 
_entity_src_gen.pdbx_description                   ? 
# 
_struct_ref.id                         1 
_struct_ref.db_name                    UNP 
_struct_ref.db_code                    Q9I063_PSEAE 
_struct_ref.pdbx_db_accession          Q9I063 
_struct_ref.entity_id                  1 
_struct_ref.pdbx_seq_one_letter_code   
;MLGTRLKAARIRAGYSQKQLGMLVGMDEFSASARMNQYERERHSPNMRTSEQLAMVLQVPMAYLYCPEDELAELILKVSS
LTPEFKKELTRFIEQLLAAQGSTSRQPVRTRSEL
;
_struct_ref.pdbx_align_begin           1 
_struct_ref.pdbx_db_isoform            ? 
# 
_struct_ref_seq.align_id                      1 
_struct_ref_seq.ref_id                        1 
_struct_ref_seq.pdbx_PDB_id_code              4O8B 
_struct_ref_seq.pdbx_strand_id                A 
_struct_ref_seq.seq_align_beg                 1 
_struct_ref_seq.pdbx_seq_align_beg_ins_code   ? 
_struct_ref_seq.seq_align_end                 114 
_struct_ref_seq.pdbx_seq_align_end_ins_code   ? 
_struct_ref_seq.pdbx_db_accession             Q9I063 
_struct_ref_seq.db_align_beg                  1 
_struct_ref_seq.pdbx_db_align_beg_ins_code    ? 
_struct_ref_seq.db_align_end                  114 
_struct_ref_seq.pdbx_db_align_end_ins_code    ? 
_struct_ref_seq.pdbx_auth_seq_align_beg       1 
_struct_ref_seq.pdbx_auth_seq_align_end       114 
# 
loop_
_struct_ref_seq_dif.align_id 
_struct_ref_seq_dif.pdbx_pdb_id_code 
_struct_ref_seq_dif.mon_id 
_struct_ref_seq_dif.pdbx_pdb_strand_id 
_struct_ref_seq_dif.seq_num 
_struct_ref_seq_dif.pdbx_pdb_ins_code 
_struct_ref_seq_dif.pdbx_seq_db_name 
_struct_ref_seq_dif.pdbx_seq_db_accession_code 
_struct_ref_seq_dif.db_mon_id 
_struct_ref_seq_dif.pdbx_seq_db_seq_num 
_struct_ref_seq_dif.details 
_struct_ref_seq_dif.pdbx_auth_seq_num 
_struct_ref_seq_dif.pdbx_ordinal 
1 4O8B LEU A 115 ? UNP Q9I063 ? ? 'expression tag' 115 1 
1 4O8B GLU A 116 ? UNP Q9I063 ? ? 'expression tag' 116 2 
1 4O8B HIS A 117 ? UNP Q9I063 ? ? 'expression tag' 117 3 
1 4O8B HIS A 118 ? UNP Q9I063 ? ? 'expression tag' 118 4 
1 4O8B HIS A 119 ? UNP Q9I063 ? ? 'expression tag' 119 5 
1 4O8B HIS A 120 ? UNP Q9I063 ? ? 'expression tag' 120 6 
1 4O8B HIS A 121 ? UNP Q9I063 ? ? 'expression tag' 121 7 
1 4O8B HIS A 122 ? UNP Q9I063 ? ? 'expression tag' 122 8 
# 
loop_
_chem_comp.id 
_chem_comp.type 
_chem_comp.mon_nstd_flag 
_chem_comp.name 
_chem_comp.pdbx_synonyms 
_chem_comp.formula 
_chem_comp.formula_weight 
ALA 'L-peptide linking' y ALANINE         ? 'C3 H7 N O2'     89.093  
ARG 'L-peptide linking' y ARGININE        ? 'C6 H15 N4 O2 1' 175.209 
ASN 'L-peptide linking' y ASPARAGINE      ? 'C4 H8 N2 O3'    132.118 
ASP 'L-peptide linking' y 'ASPARTIC ACID' ? 'C4 H7 N O4'     133.103 
CYS 'L-peptide linking' y CYSTEINE        ? 'C3 H7 N O2 S'   121.158 
GLN 'L-peptide linking' y GLUTAMINE       ? 'C5 H10 N2 O3'   146.144 
GLU 'L-peptide linking' y 'GLUTAMIC ACID' ? 'C5 H9 N O4'     147.129 
GLY 'peptide linking'   y GLYCINE         ? 'C2 H5 N O2'     75.067  
HIS 'L-peptide linking' y HISTIDINE       ? 'C6 H10 N3 O2 1' 156.162 
HOH non-polymer         . WATER           ? 'H2 O'           18.015  
ILE 'L-peptide linking' y ISOLEUCINE      ? 'C6 H13 N O2'    131.173 
LEU 'L-peptide linking' y LEUCINE         ? 'C6 H13 N O2'    131.173 
LYS 'L-peptide linking' y LYSINE          ? 'C6 H15 N2 O2 1' 147.195 
MET 'L-peptide linking' y METHIONINE      ? 'C5 H11 N O2 S'  149.211 
PHE 'L-peptide linking' y PHENYLALANINE   ? 'C9 H11 N O2'    165.189 
PRO 'L-peptide linking' y PROLINE         ? 'C5 H9 N O2'     115.130 
SER 'L-peptide linking' y SERINE          ? 'C3 H7 N O3'     105.093 
THR 'L-peptide linking' y THREONINE       ? 'C4 H9 N O3'     119.119 
TYR 'L-peptide linking' y TYROSINE        ? 'C9 H11 N O3'    181.189 
VAL 'L-peptide linking' y VALINE          ? 'C5 H11 N O2'    117.146 
# 
_exptl.entry_id          4O8B 
_exptl.method            'X-RAY DIFFRACTION' 
_exptl.crystals_number   1 
# 
_exptl_crystal.id                    1 
_exptl_crystal.density_meas          ? 
_exptl_crystal.density_Matthews      ? 
_exptl_crystal.density_percent_sol   ? 
_exptl_crystal.description           ? 
_exptl_crystal.F_000                 ? 
_exptl_crystal.preparation           ? 
# 
_exptl_crystal_grow.crystal_id      1 
_exptl_crystal_grow.method          'VAPOR DIFFUSION, SITTING DROP' 
_exptl_crystal_grow.temp            293 
_exptl_crystal_grow.temp_details    ? 
_exptl_crystal_grow.pH              7.5 
_exptl_crystal_grow.pdbx_details    
'0.1M HEPES pH 7.5, 20% w/v Polyethylene glycol 10000, VAPOR DIFFUSION, SITTING DROP, temperature 293K' 
_exptl_crystal_grow.pdbx_pH_range   . 
# 
_diffrn.id                     1 
_diffrn.ambient_temp           100 
_diffrn.ambient_temp_details   ? 
_diffrn.crystal_id             1 
# 
_diffrn_detector.diffrn_id              1 
_diffrn_detector.detector               CCD 
_diffrn_detector.type                   'ADSC QUANTUM 4' 
_diffrn_detector.pdbx_collection_date   2013-03-21 
_diffrn_detector.details                ? 
# 
_diffrn_radiation.diffrn_id                        1 
_diffrn_radiation.wavelength_id                    1 
_diffrn_radiation.pdbx_monochromatic_or_laue_m_l   M 
_diffrn_radiation.monochromator                    GRAPHITE 
_diffrn_radiation.pdbx_diffrn_protocol             'SINGLE WAVELENGTH' 
_diffrn_radiation.pdbx_scattering_type             x-ray 
# 
_diffrn_radiation_wavelength.id           1 
_diffrn_radiation_wavelength.wavelength   1.5418 
_diffrn_radiation_wavelength.wt           1.0 
# 
_diffrn_source.diffrn_id                   1 
_diffrn_source.source                      'ROTATING ANODE' 
_diffrn_source.type                        RIGAKU 
_diffrn_source.pdbx_synchrotron_site       ? 
_diffrn_source.pdbx_synchrotron_beamline   ? 
_diffrn_source.pdbx_wavelength             ? 
_diffrn_source.pdbx_wavelength_list        1.5418 
# 
_reflns.entry_id                     4O8B 
_reflns.observed_criterion_sigma_I   -3 
_reflns.observed_criterion_sigma_F   0.0 
_reflns.d_resolution_low             30.0 
_reflns.d_resolution_high            2.3 
_reflns.number_obs                   3818 
_reflns.number_all                   ? 
_reflns.percent_possible_obs         97.3 
_reflns.pdbx_Rmerge_I_obs            ? 
_reflns.pdbx_Rsym_value              0.085 
_reflns.pdbx_netI_over_sigmaI        6.4 
_reflns.B_iso_Wilson_estimate        ? 
_reflns.pdbx_redundancy              4.9 
_reflns.R_free_details               ? 
_reflns.limit_h_max                  ? 
_reflns.limit_h_min                  ? 
_reflns.limit_k_max                  ? 
_reflns.limit_k_min                  ? 
_reflns.limit_l_max                  ? 
_reflns.limit_l_min                  ? 
_reflns.observed_criterion_F_max     ? 
_reflns.observed_criterion_F_min     ? 
_reflns.pdbx_chi_squared             ? 
_reflns.pdbx_scaling_rejects         ? 
_reflns.pdbx_ordinal                 1 
_reflns.pdbx_diffrn_id               1 
# 
_reflns_shell.d_res_high                  2.30 
_reflns_shell.d_res_low                   2.42 
_reflns_shell.percent_possible_all        83.5 
_reflns_shell.Rmerge_I_obs                ? 
_reflns_shell.pdbx_Rsym_value             0.221 
_reflns_shell.meanI_over_sigI_obs         2.9 
_reflns_shell.pdbx_redundancy             3.9 
_reflns_shell.percent_possible_obs        ? 
_reflns_shell.number_unique_all           1870 
_reflns_shell.number_measured_all         ? 
_reflns_shell.number_measured_obs         ? 
_reflns_shell.number_unique_obs           ? 
_reflns_shell.pdbx_chi_squared            ? 
_reflns_shell.pdbx_rejects                ? 
_reflns_shell.pdbx_netI_over_sigmaI_obs   ? 
_reflns_shell.number_possible             ? 
_reflns_shell.Rmerge_F_all                ? 
_reflns_shell.Rmerge_F_obs                ? 
_reflns_shell.Rmerge_I_all                ? 
_reflns_shell.meanI_over_sigI_all         ? 
_reflns_shell.pdbx_Rrim_I_all             ? 
_reflns_shell.pdbx_Rpim_I_all             ? 
_reflns_shell.pdbx_ordinal                1 
_reflns_shell.pdbx_diffrn_id              1 
# 
_refine.entry_id                                 4O8B 
_refine.ls_number_reflns_obs                     3818 
_refine.ls_number_reflns_all                     ? 
_refine.pdbx_ls_sigma_I                          ? 
_refine.pdbx_ls_sigma_F                          0 
_refine.pdbx_data_cutoff_high_absF               ? 
_refine.pdbx_data_cutoff_low_absF                ? 
_refine.pdbx_data_cutoff_high_rms_absF           ? 
_refine.ls_d_res_low                             30 
_refine.ls_d_res_high                            2.3 
_refine.ls_percent_reflns_obs                    ? 
_refine.ls_R_factor_obs                          0.229 
_refine.ls_R_factor_all                          ? 
_refine.ls_R_factor_R_work                       0.229 
_refine.ls_R_factor_R_free                       0.286 
_refine.ls_R_factor_R_free_error                 ? 
_refine.ls_R_factor_R_free_error_details         ? 
_refine.ls_percent_reflns_R_free                 ? 
_refine.ls_number_reflns_R_free                  207 
_refine.ls_number_parameters                     ? 
_refine.ls_number_restraints                     ? 
_refine.occupancy_min                            ? 
_refine.occupancy_max                            ? 
_refine.correlation_coeff_Fo_to_Fc               ? 
_refine.correlation_coeff_Fo_to_Fc_free          ? 
_refine.B_iso_mean                               ? 
_refine.aniso_B[1][1]                            14.61 
_refine.aniso_B[2][2]                            -6.466 
_refine.aniso_B[3][3]                            -8.144 
_refine.aniso_B[1][2]                            0.00 
_refine.aniso_B[1][3]                            -3.795 
_refine.aniso_B[2][3]                            0.000 
_refine.solvent_model_details                    ? 
_refine.solvent_model_param_ksol                 ? 
_refine.solvent_model_param_bsol                 ? 
_refine.pdbx_solvent_vdw_probe_radii             ? 
_refine.pdbx_solvent_ion_probe_radii             ? 
_refine.pdbx_solvent_shrinkage_radii             ? 
_refine.pdbx_ls_cross_valid_method               ? 
_refine.details                                  ? 
_refine.pdbx_starting_model                      3LFP 
_refine.pdbx_method_to_determine_struct          'MOLECULAR REPLACEMENT' 
_refine.pdbx_isotropic_thermal_model             ? 
_refine.pdbx_stereochemistry_target_values       'Engh & Huber' 
_refine.pdbx_stereochem_target_val_spec_case     ? 
_refine.pdbx_R_Free_selection_details            Random 
_refine.pdbx_overall_ESU_R                       ? 
_refine.pdbx_overall_ESU_R_Free                  ? 
_refine.overall_SU_ML                            ? 
_refine.pdbx_overall_phase_error                 ? 
_refine.overall_SU_B                             ? 
_refine.overall_SU_R_Cruickshank_DPI             ? 
_refine.ls_redundancy_reflns_obs                 ? 
_refine.B_iso_min                                ? 
_refine.B_iso_max                                ? 
_refine.overall_SU_R_free                        ? 
_refine.ls_wR_factor_R_free                      ? 
_refine.ls_wR_factor_R_work                      ? 
_refine.overall_FOM_free_R_set                   ? 
_refine.overall_FOM_work_R_set                   ? 
_refine.pdbx_diffrn_id                           1 
_refine.pdbx_refine_id                           'X-RAY DIFFRACTION' 
_refine.pdbx_TLS_residual_ADP_flag               ? 
_refine.pdbx_overall_SU_R_free_Cruickshank_DPI   ? 
_refine.pdbx_overall_SU_R_Blow_DPI               ? 
_refine.pdbx_overall_SU_R_free_Blow_DPI          ? 
# 
_refine_hist.pdbx_refine_id                   'X-RAY DIFFRACTION' 
_refine_hist.cycle_id                         LAST 
_refine_hist.pdbx_number_atoms_protein        803 
_refine_hist.pdbx_number_atoms_nucleic_acid   0 
_refine_hist.pdbx_number_atoms_ligand         0 
_refine_hist.number_atoms_solvent             50 
_refine_hist.number_atoms_total               853 
_refine_hist.d_res_high                       2.3 
_refine_hist.d_res_low                        30 
# 
loop_
_refine_ls_restr.type 
_refine_ls_restr.dev_ideal 
_refine_ls_restr.dev_ideal_target 
_refine_ls_restr.weight 
_refine_ls_restr.number 
_refine_ls_restr.pdbx_restraint_function 
_refine_ls_restr.pdbx_refine_id 
c_angle_deg  0.98   ? ? ? ? 'X-RAY DIFFRACTION' 
c_bond_d     0.0045 ? ? ? ? 'X-RAY DIFFRACTION' 
c_mcangle_it 1.7    ? ? ? ? 'X-RAY DIFFRACTION' 
c_mcbond_it  1.044  ? ? ? ? 'X-RAY DIFFRACTION' 
c_scangle_it 2.741  ? ? ? ? 'X-RAY DIFFRACTION' 
c_scbond_it  1.779  ? ? ? ? 'X-RAY DIFFRACTION' 
# 
_struct.entry_id                  4O8B 
_struct.title                     'Crystal structure of transcriptional regulator BswR' 
_struct.pdbx_model_details        ? 
_struct.pdbx_CASP_flag            ? 
_struct.pdbx_model_type_details   ? 
# 
_struct_keywords.entry_id        4O8B 
_struct_keywords.pdbx_keywords   'DNA BINDING PROTEIN' 
_struct_keywords.text            'HTH motif, transcriptional activator, promoter DNA, DNA BINDING PROTEIN' 
# 
loop_
_struct_asym.id 
_struct_asym.pdbx_blank_PDB_chainid_flag 
_struct_asym.pdbx_modified 
_struct_asym.entity_id 
_struct_asym.details 
A N N 1 ? 
B N N 2 ? 
# 
_struct_biol.id        1 
_struct_biol.details   ? 
# 
loop_
_struct_conf.conf_type_id 
_struct_conf.id 
_struct_conf.pdbx_PDB_helix_id 
_struct_conf.beg_label_comp_id 
_struct_conf.beg_label_asym_id 
_struct_conf.beg_label_seq_id 
_struct_conf.pdbx_beg_PDB_ins_code 
_struct_conf.end_label_comp_id 
_struct_conf.end_label_asym_id 
_struct_conf.end_label_seq_id 
_struct_conf.pdbx_end_PDB_ins_code 
_struct_conf.beg_auth_comp_id 
_struct_conf.beg_auth_asym_id 
_struct_conf.beg_auth_seq_id 
_struct_conf.end_auth_comp_id 
_struct_conf.end_auth_asym_id 
_struct_conf.end_auth_seq_id 
_struct_conf.pdbx_PDB_helix_class 
_struct_conf.details 
_struct_conf.pdbx_PDB_helix_length 
HELX_P HELX_P1 1 LEU A 2  ? GLY A 14  ? LEU A 2  GLY A 14  1 ? 13 
HELX_P HELX_P2 2 SER A 16 ? LEU A 23  ? SER A 16 LEU A 23  1 ? 8  
HELX_P HELX_P3 3 ASP A 27 ? ARG A 40  ? ASP A 27 ARG A 40  1 ? 14 
HELX_P HELX_P4 4 ASN A 46 ? GLN A 58  ? ASN A 46 GLN A 58  1 ? 13 
HELX_P HELX_P5 5 ALA A 62 ? CYS A 66  ? ALA A 62 CYS A 66  5 ? 5  
HELX_P HELX_P6 6 GLU A 68 ? SER A 80  ? GLU A 68 SER A 80  1 ? 13 
HELX_P HELX_P7 7 THR A 82 ? GLN A 100 ? THR A 82 GLN A 100 1 ? 19 
# 
_struct_conf_type.id          HELX_P 
_struct_conf_type.criteria    ? 
_struct_conf_type.reference   ? 
# 
_atom_sites.entry_id                    4O8B 
_atom_sites.fract_transf_matrix[1][1]   0.01016504 
_atom_sites.fract_transf_matrix[1][2]   -0.00697422 
_atom_sites.fract_transf_matrix[1][3]   -0.01249105 
_atom_sites.fract_transf_matrix[2][1]   -0.00553060 
_atom_sites.fract_transf_matrix[2][2]   -0.02089464 
_atom_sites.fract_transf_matrix[2][3]   0.00716554 
_atom_sites.fract_transf_matrix[3][1]   -0.01444429 
_atom_sites.fract_transf_matrix[3][2]   -0.00560355 
_atom_sites.fract_transf_matrix[3][3]   -0.02748850 
_atom_sites.fract_transf_vector[1]      0.080641 
_atom_sites.fract_transf_vector[2]      -0.346323 
_atom_sites.fract_transf_vector[3]      -0.243225 
# 
loop_
_atom_type.symbol 
C 
N 
O 
S 
# 
loop_
_atom_site.group_PDB 
_atom_site.id 
_atom_site.type_symbol 
_atom_site.label_atom_id 
_atom_site.label_alt_id 
_atom_site.label_comp_id 
_atom_site.label_asym_id 
_atom_site.label_entity_id 
_atom_site.label_seq_id 
_atom_site.pdbx_PDB_ins_code 
_atom_site.Cartn_x 
_atom_site.Cartn_y 
_atom_site.Cartn_z 
_atom_site.occupancy 
_atom_site.B_iso_or_equiv 
_atom_site.pdbx_formal_charge 
_atom_site.auth_seq_id 
_atom_site.auth_comp_id 
_atom_site.auth_asym_id 
_atom_site.auth_atom_id 
_atom_site.pdbx_PDB_model_num 
ATOM   1   N N   . MET A 1 1   ? 7.066   8.278   0.737   1.00 23.44 ? 1   MET A N   1 
ATOM   2   C CA  . MET A 1 1   ? 6.475   6.943   0.447   1.00 24.60 ? 1   MET A CA  1 
ATOM   3   C C   . MET A 1 1   ? 7.489   6.057   -0.271  1.00 24.69 ? 1   MET A C   1 
ATOM   4   O O   . MET A 1 1   ? 8.185   6.511   -1.184  1.00 25.84 ? 1   MET A O   1 
ATOM   5   C CB  . MET A 1 1   ? 5.227   7.104   -0.425  1.00 25.38 ? 1   MET A CB  1 
ATOM   6   C CG  . MET A 1 1   ? 4.454   5.812   -0.654  1.00 26.87 ? 1   MET A CG  1 
ATOM   7   S SD  . MET A 1 1   ? 3.099   6.032   -1.818  1.00 27.33 ? 1   MET A SD  1 
ATOM   8   C CE  . MET A 1 1   ? 1.965   7.027   -0.842  1.00 29.79 ? 1   MET A CE  1 
ATOM   9   N N   . LEU A 1 2   ? 7.572   4.802   0.149   1.00 23.33 ? 2   LEU A N   1 
ATOM   10  C CA  . LEU A 1 2   ? 8.496   3.854   -0.461  1.00 24.29 ? 2   LEU A CA  1 
ATOM   11  C C   . LEU A 1 2   ? 8.074   3.524   -1.893  1.00 25.20 ? 2   LEU A C   1 
ATOM   12  O O   . LEU A 1 2   ? 6.965   3.023   -2.120  1.00 25.99 ? 2   LEU A O   1 
ATOM   13  C CB  . LEU A 1 2   ? 8.566   2.566   0.361   1.00 24.27 ? 2   LEU A CB  1 
ATOM   14  C CG  . LEU A 1 2   ? 9.573   2.501   1.511   1.00 25.96 ? 2   LEU A CG  1 
ATOM   15  C CD1 . LEU A 1 2   ? 9.098   3.319   2.698   1.00 24.94 ? 2   LEU A CD1 1 
ATOM   16  C CD2 . LEU A 1 2   ? 9.759   1.047   1.910   1.00 27.05 ? 2   LEU A CD2 1 
ATOM   17  N N   . GLY A 1 3   ? 8.954   3.802   -2.848  1.00 24.38 ? 3   GLY A N   1 
ATOM   18  C CA  . GLY A 1 3   ? 8.651   3.531   -4.242  1.00 23.59 ? 3   GLY A CA  1 
ATOM   19  C C   . GLY A 1 3   ? 8.296   2.084   -4.508  1.00 23.04 ? 3   GLY A C   1 
ATOM   20  O O   . GLY A 1 3   ? 7.261   1.794   -5.111  1.00 24.65 ? 3   GLY A O   1 
ATOM   21  N N   . THR A 1 4   ? 9.150   1.172   -4.066  1.00 22.74 ? 4   THR A N   1 
ATOM   22  C CA  . THR A 1 4   ? 8.920   -0.257  -4.261  1.00 23.74 ? 4   THR A CA  1 
ATOM   23  C C   . THR A 1 4   ? 7.498   -0.652  -3.874  1.00 21.83 ? 4   THR A C   1 
ATOM   24  O O   . THR A 1 4   ? 6.806   -1.325  -4.632  1.00 21.24 ? 4   THR A O   1 
ATOM   25  C CB  . THR A 1 4   ? 9.909   -1.104  -3.431  1.00 24.09 ? 4   THR A CB  1 
ATOM   26  O OG1 . THR A 1 4   ? 9.885   -0.666  -2.068  1.00 25.03 ? 4   THR A OG1 1 
ATOM   27  C CG2 . THR A 1 4   ? 11.317  -0.975  -3.985  1.00 24.96 ? 4   THR A CG2 1 
ATOM   28  N N   . ARG A 1 5   ? 7.073   -0.223  -2.692  1.00 21.74 ? 5   ARG A N   1 
ATOM   29  C CA  . ARG A 1 5   ? 5.729   -0.535  -2.198  1.00 21.31 ? 5   ARG A CA  1 
ATOM   30  C C   . ARG A 1 5   ? 4.667   0.058   -3.114  1.00 20.83 ? 5   ARG A C   1 
ATOM   31  O O   . ARG A 1 5   ? 3.645   -0.570  -3.381  1.00 19.50 ? 5   ARG A O   1 
ATOM   32  C CB  . ARG A 1 5   ? 5.555   0.020   -0.785  1.00 21.33 ? 5   ARG A CB  1 
ATOM   33  C CG  . ARG A 1 5   ? 6.614   -0.462  0.202   1.00 19.63 ? 5   ARG A CG  1 
ATOM   34  C CD  . ARG A 1 5   ? 6.421   -1.925  0.566   1.00 19.36 ? 5   ARG A CD  1 
ATOM   35  N NE  . ARG A 1 5   ? 7.539   -2.433  1.360   1.00 21.24 ? 5   ARG A NE  1 
ATOM   36  C CZ  . ARG A 1 5   ? 8.430   -3.319  0.917   1.00 20.82 ? 5   ARG A CZ  1 
ATOM   37  N NH1 . ARG A 1 5   ? 8.340   -3.792  -0.321  1.00 20.50 ? 5   ARG A NH1 1 
ATOM   38  N NH2 . ARG A 1 5   ? 9.425   -3.704  1.704   1.00 20.45 ? 5   ARG A NH2 1 
ATOM   39  N N   . LEU A 1 6   ? 4.914   1.272   -3.596  1.00 21.67 ? 6   LEU A N   1 
ATOM   40  C CA  . LEU A 1 6   ? 3.976   1.941   -4.489  1.00 22.90 ? 6   LEU A CA  1 
ATOM   41  C C   . LEU A 1 6   ? 3.912   1.206   -5.825  1.00 22.53 ? 6   LEU A C   1 
ATOM   42  O O   . LEU A 1 6   ? 2.841   1.016   -6.392  1.00 21.71 ? 6   LEU A O   1 
ATOM   43  C CB  . LEU A 1 6   ? 4.402   3.394   -4.711  1.00 23.06 ? 6   LEU A CB  1 
ATOM   44  C CG  . LEU A 1 6   ? 3.533   4.236   -5.657  1.00 25.45 ? 6   LEU A CG  1 
ATOM   45  C CD1 . LEU A 1 6   ? 2.167   4.491   -5.030  1.00 27.49 ? 6   LEU A CD1 1 
ATOM   46  C CD2 . LEU A 1 6   ? 4.238   5.549   -5.941  1.00 25.79 ? 6   LEU A CD2 1 
ATOM   47  N N   . LYS A 1 7   ? 5.072   0.787   -6.324  1.00 24.18 ? 7   LYS A N   1 
ATOM   48  C CA  . LYS A 1 7   ? 5.147   0.070   -7.586  1.00 24.87 ? 7   LYS A CA  1 
ATOM   49  C C   . LYS A 1 7   ? 4.538   -1.318  -7.423  1.00 24.64 ? 7   LYS A C   1 
ATOM   50  O O   . LYS A 1 7   ? 3.759   -1.775  -8.270  1.00 25.49 ? 7   LYS A O   1 
ATOM   51  C CB  . LYS A 1 7   ? 6.606   -0.060  -8.044  1.00 25.44 ? 7   LYS A CB  1 
ATOM   52  C CG  . LYS A 1 7   ? 6.762   -0.504  -9.497  1.00 28.26 ? 7   LYS A CG  1 
ATOM   53  C CD  . LYS A 1 7   ? 8.229   -0.697  -9.872  1.00 30.38 ? 7   LYS A CD  1 
ATOM   54  C CE  . LYS A 1 7   ? 9.008   0.612   -9.824  1.00 30.84 ? 7   LYS A CE  1 
ATOM   55  N NZ  . LYS A 1 7   ? 8.549   1.580   -10.866 1.00 29.89 ? 7   LYS A NZ  1 
ATOM   56  N N   . ALA A 1 8   ? 4.892   -1.988  -6.329  1.00 23.09 ? 8   ALA A N   1 
ATOM   57  C CA  . ALA A 1 8   ? 4.387   -3.327  -6.041  1.00 21.24 ? 8   ALA A CA  1 
ATOM   58  C C   . ALA A 1 8   ? 2.873   -3.311  -5.884  1.00 20.85 ? 8   ALA A C   1 
ATOM   59  O O   . ALA A 1 8   ? 2.193   -4.267  -6.251  1.00 21.45 ? 8   ALA A O   1 
ATOM   60  C CB  . ALA A 1 8   ? 5.041   -3.863  -4.777  1.00 19.57 ? 8   ALA A CB  1 
ATOM   61  N N   . ALA A 1 9   ? 2.347   -2.216  -5.330  1.00 20.32 ? 9   ALA A N   1 
ATOM   62  C CA  . ALA A 1 9   ? 0.915   -2.079  -5.113  1.00 19.06 ? 9   ALA A CA  1 
ATOM   63  C C   . ALA A 1 9   ? 0.189   -1.747  -6.411  1.00 19.92 ? 9   ALA A C   1 
ATOM   64  O O   . ALA A 1 9   ? -1.000  -2.046  -6.555  1.00 18.94 ? 9   ALA A O   1 
ATOM   65  C CB  . ALA A 1 9   ? 0.655   -1.000  -4.075  1.00 17.79 ? 9   ALA A CB  1 
ATOM   66  N N   . ARG A 1 10  ? 0.897   -1.124  -7.355  1.00 20.65 ? 10  ARG A N   1 
ATOM   67  C CA  . ARG A 1 10  ? 0.310   -0.767  -8.635  1.00 21.96 ? 10  ARG A CA  1 
ATOM   68  C C   . ARG A 1 10  ? 0.275   -1.968  -9.562  1.00 23.22 ? 10  ARG A C   1 
ATOM   69  O O   . ARG A 1 10  ? -0.621  -2.089  -10.404 1.00 25.37 ? 10  ARG A O   1 
ATOM   70  C CB  . ARG A 1 10  ? 1.096   0.380   -9.277  1.00 21.74 ? 10  ARG A CB  1 
ATOM   71  C CG  . ARG A 1 10  ? 0.731   0.636   -10.731 1.00 22.48 ? 10  ARG A CG  1 
ATOM   72  C CD  . ARG A 1 10  ? 1.338   1.933   -11.247 1.00 24.34 ? 10  ARG A CD  1 
ATOM   73  N NE  . ARG A 1 10  ? 2.787   1.848   -11.440 1.00 25.39 ? 10  ARG A NE  1 
ATOM   74  C CZ  . ARG A 1 10  ? 3.378   1.055   -12.335 1.00 25.36 ? 10  ARG A CZ  1 
ATOM   75  N NH1 . ARG A 1 10  ? 2.652   0.266   -13.121 1.00 24.28 ? 10  ARG A NH1 1 
ATOM   76  N NH2 . ARG A 1 10  ? 4.701   1.054   -12.444 1.00 23.67 ? 10  ARG A NH2 1 
ATOM   77  N N   . ILE A 1 11  ? 1.254   -2.851  -9.416  1.00 23.57 ? 11  ILE A N   1 
ATOM   78  C CA  . ILE A 1 11  ? 1.325   -4.052  -10.238 1.00 24.35 ? 11  ILE A CA  1 
ATOM   79  C C   . ILE A 1 11  ? 0.275   -5.060  -9.788  1.00 24.65 ? 11  ILE A C   1 
ATOM   80  O O   . ILE A 1 11  ? -0.367  -5.712  -10.609 1.00 24.23 ? 11  ILE A O   1 
ATOM   81  C CB  . ILE A 1 11  ? 2.721   -4.716  -10.156 1.00 24.51 ? 11  ILE A CB  1 
ATOM   82  C CG1 . ILE A 1 11  ? 3.767   -3.820  -10.818 1.00 24.90 ? 11  ILE A CG1 1 
ATOM   83  C CG2 . ILE A 1 11  ? 2.687   -6.082  -10.825 1.00 23.58 ? 11  ILE A CG2 1 
ATOM   84  C CD1 . ILE A 1 11  ? 5.179   -4.368  -10.739 1.00 26.87 ? 11  ILE A CD1 1 
ATOM   85  N N   . ARG A 1 12  ? 0.105   -5.183  -8.470  1.00 25.46 ? 12  ARG A N   1 
ATOM   86  C CA  . ARG A 1 12  ? -0.872  -6.113  -7.917  1.00 24.93 ? 12  ARG A CA  1 
ATOM   87  C C   . ARG A 1 12  ? -2.285  -5.711  -8.316  1.00 24.79 ? 12  ARG A C   1 
ATOM   88  O O   . ARG A 1 12  ? -3.136  -6.565  -8.551  1.00 26.43 ? 12  ARG A O   1 
ATOM   89  C CB  . ARG A 1 12  ? -0.757  -6.153  -6.390  1.00 25.51 ? 12  ARG A CB  1 
ATOM   90  C CG  . ARG A 1 12  ? -1.808  -7.039  -5.716  1.00 27.00 ? 12  ARG A CG  1 
ATOM   91  C CD  . ARG A 1 12  ? -1.780  -6.901  -4.204  1.00 29.48 ? 12  ARG A CD  1 
ATOM   92  N NE  . ARG A 1 12  ? -0.621  -7.563  -3.590  1.00 32.05 ? 12  ARG A NE  1 
ATOM   93  C CZ  . ARG A 1 12  ? -0.496  -8.882  -3.452  1.00 30.98 ? 12  ARG A CZ  1 
ATOM   94  N NH1 . ARG A 1 12  ? -1.456  -9.693  -3.879  1.00 32.16 ? 12  ARG A NH1 1 
ATOM   95  N NH2 . ARG A 1 12  ? 0.584   -9.387  -2.882  1.00 30.30 ? 12  ARG A NH2 1 
ATOM   96  N N   . ALA A 1 13  ? -2.531  -4.411  -8.393  1.00 25.84 ? 13  ALA A N   1 
ATOM   97  C CA  . ALA A 1 13  ? -3.845  -3.896  -8.762  1.00 26.86 ? 13  ALA A CA  1 
ATOM   98  C C   . ALA A 1 13  ? -4.045  -3.914  -10.278 1.00 27.44 ? 13  ALA A C   1 
ATOM   99  O O   . ALA A 1 13  ? -5.170  -3.801  -10.765 1.00 27.68 ? 13  ALA A O   1 
ATOM   100 C CB  . ALA A 1 13  ? -4.017  -2.478  -8.234  1.00 25.97 ? 13  ALA A CB  1 
ATOM   101 N N   . GLY A 1 14  ? -2.950  -4.057  -11.013 1.00 28.75 ? 14  GLY A N   1 
ATOM   102 C CA  . GLY A 1 14  ? -3.028  -4.101  -12.464 1.00 29.14 ? 14  GLY A CA  1 
ATOM   103 C C   . GLY A 1 14  ? -3.236  -2.747  -13.110 1.00 30.10 ? 14  GLY A C   1 
ATOM   104 O O   . GLY A 1 14  ? -4.014  -2.618  -14.060 1.00 31.92 ? 14  GLY A O   1 
ATOM   105 N N   . TYR A 1 15  ? -2.548  -1.729  -12.602 1.00 28.54 ? 15  TYR A N   1 
ATOM   106 C CA  . TYR A 1 15  ? -2.665  -0.383  -13.158 1.00 27.02 ? 15  TYR A CA  1 
ATOM   107 C C   . TYR A 1 15  ? -1.368  0.063   -13.819 1.00 25.33 ? 15  TYR A C   1 
ATOM   108 O O   . TYR A 1 15  ? -0.277  -0.254  -13.345 1.00 23.91 ? 15  TYR A O   1 
ATOM   109 C CB  . TYR A 1 15  ? -3.026  0.627   -12.058 1.00 27.15 ? 15  TYR A CB  1 
ATOM   110 C CG  . TYR A 1 15  ? -4.430  0.509   -11.517 1.00 28.59 ? 15  TYR A CG  1 
ATOM   111 C CD1 . TYR A 1 15  ? -5.531  0.487   -12.377 1.00 28.04 ? 15  TYR A CD1 1 
ATOM   112 C CD2 . TYR A 1 15  ? -4.665  0.444   -10.143 1.00 27.07 ? 15  TYR A CD2 1 
ATOM   113 C CE1 . TYR A 1 15  ? -6.830  0.417   -11.876 1.00 29.25 ? 15  TYR A CE1 1 
ATOM   114 C CE2 . TYR A 1 15  ? -5.962  0.374   -9.637  1.00 27.86 ? 15  TYR A CE2 1 
ATOM   115 C CZ  . TYR A 1 15  ? -7.033  0.359   -10.505 1.00 27.73 ? 15  TYR A CZ  1 
ATOM   116 O OH  . TYR A 1 15  ? -8.312  0.292   -10.010 1.00 33.32 ? 15  TYR A OH  1 
ATOM   117 N N   . SER A 1 16  ? -1.496  0.801   -14.914 1.00 25.20 ? 16  SER A N   1 
ATOM   118 C CA  . SER A 1 16  ? -0.334  1.321   -15.621 1.00 24.72 ? 16  SER A CA  1 
ATOM   119 C C   . SER A 1 16  ? -0.009  2.640   -14.922 1.00 24.07 ? 16  SER A C   1 
ATOM   120 O O   . SER A 1 16  ? -0.891  3.256   -14.326 1.00 23.39 ? 16  SER A O   1 
ATOM   121 C CB  . SER A 1 16  ? -0.666  1.583   -17.095 1.00 26.08 ? 16  SER A CB  1 
ATOM   122 O OG  . SER A 1 16  ? -1.280  2.854   -17.272 1.00 25.59 ? 16  SER A OG  1 
ATOM   123 N N   . GLN A 1 17  ? 1.248   3.064   -14.977 1.00 24.28 ? 17  GLN A N   1 
ATOM   124 C CA  . GLN A 1 17  ? 1.643   4.306   -14.324 1.00 24.25 ? 17  GLN A CA  1 
ATOM   125 C C   . GLN A 1 17  ? 0.703   5.459   -14.657 1.00 24.12 ? 17  GLN A C   1 
ATOM   126 O O   . GLN A 1 17  ? 0.488   6.352   -13.831 1.00 23.50 ? 17  GLN A O   1 
ATOM   127 C CB  . GLN A 1 17  ? 3.078   4.695   -14.706 1.00 24.72 ? 17  GLN A CB  1 
ATOM   128 C CG  . GLN A 1 17  ? 4.141   4.096   -13.803 1.00 25.61 ? 17  GLN A CG  1 
ATOM   129 C CD  . GLN A 1 17  ? 5.521   4.646   -14.100 1.00 25.64 ? 17  GLN A CD  1 
ATOM   130 O OE1 . GLN A 1 17  ? 5.857   4.905   -15.257 1.00 27.09 ? 17  GLN A OE1 1 
ATOM   131 N NE2 . GLN A 1 17  ? 6.340   4.798   -13.065 1.00 25.86 ? 17  GLN A NE2 1 
ATOM   132 N N   . LYS A 1 18  ? 0.139   5.439   -15.868 1.00 22.56 ? 18  LYS A N   1 
ATOM   133 C CA  . LYS A 1 18  ? -0.777  6.485   -16.288 1.00 21.77 ? 18  LYS A CA  1 
ATOM   134 C C   . LYS A 1 18  ? -2.151  6.288   -15.657 1.00 20.85 ? 18  LYS A C   1 
ATOM   135 O O   . LYS A 1 18  ? -2.771  7.246   -15.203 1.00 20.27 ? 18  LYS A O   1 
ATOM   136 C CB  . LYS A 1 18  ? -0.898  6.495   -17.814 1.00 23.35 ? 18  LYS A CB  1 
ATOM   137 C CG  . LYS A 1 18  ? -1.845  7.560   -18.348 1.00 24.22 ? 18  LYS A CG  1 
ATOM   138 C CD  . LYS A 1 18  ? -1.911  7.527   -19.872 1.00 26.88 ? 18  LYS A CD  1 
ATOM   139 C CE  . LYS A 1 18  ? -2.997  8.455   -20.394 1.00 27.50 ? 18  LYS A CE  1 
ATOM   140 N NZ  . LYS A 1 18  ? -3.241  8.261   -21.853 1.00 31.05 ? 18  LYS A NZ  1 
ATOM   141 N N   . GLN A 1 19  ? -2.626  5.051   -15.638 1.00 21.14 ? 19  GLN A N   1 
ATOM   142 C CA  . GLN A 1 19  ? -3.923  4.740   -15.058 1.00 22.07 ? 19  GLN A CA  1 
ATOM   143 C C   . GLN A 1 19  ? -3.973  5.158   -13.594 1.00 21.34 ? 19  GLN A C   1 
ATOM   144 O O   . GLN A 1 19  ? -4.885  5.879   -13.173 1.00 21.53 ? 19  GLN A O   1 
ATOM   145 C CB  . GLN A 1 19  ? -4.237  3.241   -15.183 1.00 23.09 ? 19  GLN A CB  1 
ATOM   146 C CG  . GLN A 1 19  ? -4.853  2.846   -16.512 1.00 26.77 ? 19  GLN A CG  1 
ATOM   147 C CD  . GLN A 1 19  ? -4.896  1.339   -16.698 1.00 29.51 ? 19  GLN A CD  1 
ATOM   148 O OE1 . GLN A 1 19  ? -3.925  0.642   -16.401 1.00 28.36 ? 19  GLN A OE1 1 
ATOM   149 N NE2 . GLN A 1 19  ? -6.009  0.831   -17.223 1.00 32.02 ? 19  GLN A NE2 1 
ATOM   150 N N   . LEU A 1 20  ? -2.999  4.706   -12.814 1.00 20.39 ? 20  LEU A N   1 
ATOM   151 C CA  . LEU A 1 20  ? -2.946  5.058   -11.396 1.00 20.48 ? 20  LEU A CA  1 
ATOM   152 C C   . LEU A 1 20  ? -2.861  6.572   -11.263 1.00 21.55 ? 20  LEU A C   1 
ATOM   153 O O   . LEU A 1 20  ? -3.535  7.176   -10.440 1.00 19.68 ? 20  LEU A O   1 
ATOM   154 C CB  . LEU A 1 20  ? -1.740  4.397   -10.729 1.00 17.53 ? 20  LEU A CB  1 
ATOM   155 C CG  . LEU A 1 20  ? -1.479  4.724   -9.247  1.00 16.96 ? 20  LEU A CG  1 
ATOM   156 C CD1 . LEU A 1 20  ? -2.790  4.742   -8.475  1.00 13.58 ? 20  LEU A CD1 1 
ATOM   157 C CD2 . LEU A 1 20  ? -0.529  3.694   -8.655  1.00 15.69 ? 20  LEU A CD2 1 
ATOM   158 N N   . GLY A 1 21  ? -2.012  7.178   -12.104 1.00 23.11 ? 21  GLY A N   1 
ATOM   159 C CA  . GLY A 1 21  ? -1.840  8.609   -12.076 1.00 24.98 ? 21  GLY A CA  1 
ATOM   160 C C   . GLY A 1 21  ? -3.139  9.371   -12.291 1.00 26.22 ? 21  GLY A C   1 
ATOM   161 O O   . GLY A 1 21  ? -3.427  10.334  -11.574 1.00 25.50 ? 21  GLY A O   1 
ATOM   162 N N   . MET A 1 22  ? -3.930  8.947   -13.270 1.00 26.89 ? 22  MET A N   1 
ATOM   163 C CA  . MET A 1 22  ? -5.190  9.616   -13.545 1.00 28.06 ? 22  MET A CA  1 
ATOM   164 C C   . MET A 1 22  ? -6.267  9.267   -12.523 1.00 27.05 ? 22  MET A C   1 
ATOM   165 O O   . MET A 1 22  ? -7.124  10.092  -12.207 1.00 26.66 ? 22  MET A O   1 
ATOM   166 C CB  . MET A 1 22  ? -5.694  9.264   -14.950 1.00 31.56 ? 22  MET A CB  1 
ATOM   167 C CG  . MET A 1 22  ? -4.819  9.787   -16.075 1.00 34.56 ? 22  MET A CG  1 
ATOM   168 S SD  . MET A 1 22  ? -5.706  9.831   -17.645 1.00 38.79 ? 22  MET A SD  1 
ATOM   169 C CE  . MET A 1 22  ? -5.753  8.093   -18.057 1.00 37.80 ? 22  MET A CE  1 
ATOM   170 N N   . LEU A 1 23  ? -6.225  8.047   -12.000 1.00 26.04 ? 23  LEU A N   1 
ATOM   171 C CA  . LEU A 1 23  ? -7.201  7.619   -11.010 1.00 25.10 ? 23  LEU A CA  1 
ATOM   172 C C   . LEU A 1 23  ? -7.153  8.488   -9.756  1.00 25.53 ? 23  LEU A C   1 
ATOM   173 O O   . LEU A 1 23  ? -8.030  8.396   -8.892  1.00 24.81 ? 23  LEU A O   1 
ATOM   174 C CB  . LEU A 1 23  ? -6.986  6.153   -10.643 1.00 24.84 ? 23  LEU A CB  1 
ATOM   175 C CG  . LEU A 1 23  ? -7.724  5.154   -11.541 1.00 25.66 ? 23  LEU A CG  1 
ATOM   176 C CD1 . LEU A 1 23  ? -7.216  3.745   -11.280 1.00 26.66 ? 23  LEU A CD1 1 
ATOM   177 C CD2 . LEU A 1 23  ? -9.220  5.245   -11.274 1.00 23.60 ? 23  LEU A CD2 1 
ATOM   178 N N   . VAL A 1 24  ? -6.132  9.333   -9.651  1.00 24.82 ? 24  VAL A N   1 
ATOM   179 C CA  . VAL A 1 24  ? -6.010  10.222  -8.511  1.00 24.39 ? 24  VAL A CA  1 
ATOM   180 C C   . VAL A 1 24  ? -6.093  11.696  -8.917  1.00 24.79 ? 24  VAL A C   1 
ATOM   181 O O   . VAL A 1 24  ? -5.631  12.573  -8.193  1.00 24.22 ? 24  VAL A O   1 
ATOM   182 C CB  . VAL A 1 24  ? -4.695  9.976   -7.722  1.00 23.19 ? 24  VAL A CB  1 
ATOM   183 C CG1 . VAL A 1 24  ? -4.869  8.791   -6.786  1.00 20.91 ? 24  VAL A CG1 1 
ATOM   184 C CG2 . VAL A 1 24  ? -3.551  9.724   -8.683  1.00 23.67 ? 24  VAL A CG2 1 
ATOM   185 N N   . GLY A 1 25  ? -6.683  11.949  -10.084 1.00 24.59 ? 25  GLY A N   1 
ATOM   186 C CA  . GLY A 1 25  ? -6.860  13.311  -10.555 1.00 26.11 ? 25  GLY A CA  1 
ATOM   187 C C   . GLY A 1 25  ? -5.717  14.011  -11.273 1.00 26.88 ? 25  GLY A C   1 
ATOM   188 O O   . GLY A 1 25  ? -5.719  15.241  -11.362 1.00 27.41 ? 25  GLY A O   1 
ATOM   189 N N   . MET A 1 26  ? -4.757  13.257  -11.797 1.00 26.76 ? 26  MET A N   1 
ATOM   190 C CA  . MET A 1 26  ? -3.625  13.858  -12.500 1.00 27.17 ? 26  MET A CA  1 
ATOM   191 C C   . MET A 1 26  ? -3.949  14.165  -13.957 1.00 28.77 ? 26  MET A C   1 
ATOM   192 O O   . MET A 1 26  ? -4.851  13.566  -14.541 1.00 28.61 ? 26  MET A O   1 
ATOM   193 C CB  . MET A 1 26  ? -2.408  12.937  -12.441 1.00 26.75 ? 26  MET A CB  1 
ATOM   194 C CG  . MET A 1 26  ? -1.777  12.828  -11.064 1.00 25.84 ? 26  MET A CG  1 
ATOM   195 S SD  . MET A 1 26  ? -0.260  11.857  -11.069 1.00 23.75 ? 26  MET A SD  1 
ATOM   196 C CE  . MET A 1 26  ? 0.506   12.454  -9.569  1.00 25.62 ? 26  MET A CE  1 
ATOM   197 N N   . ASP A 1 27  ? -3.212  15.105  -14.543 1.00 30.66 ? 27  ASP A N   1 
ATOM   198 C CA  . ASP A 1 27  ? -3.409  15.469  -15.938 1.00 32.48 ? 27  ASP A CA  1 
ATOM   199 C C   . ASP A 1 27  ? -2.832  14.371  -16.821 1.00 33.38 ? 27  ASP A C   1 
ATOM   200 O O   . ASP A 1 27  ? -1.668  14.003  -16.690 1.00 33.63 ? 27  ASP A O   1 
ATOM   201 C CB  . ASP A 1 27  ? -2.732  16.803  -16.262 1.00 34.33 ? 27  ASP A CB  1 
ATOM   202 C CG  . ASP A 1 27  ? -3.502  17.993  -15.712 1.00 37.03 ? 27  ASP A CG  1 
ATOM   203 O OD1 . ASP A 1 27  ? -4.754  17.959  -15.748 1.00 36.39 ? 27  ASP A OD1 1 
ATOM   204 O OD2 . ASP A 1 27  ? -2.861  18.973  -15.266 1.00 38.75 ? 27  ASP A OD2 1 
ATOM   205 N N   . GLU A 1 28  ? -3.661  13.846  -17.720 1.00 34.04 ? 28  GLU A N   1 
ATOM   206 C CA  . GLU A 1 28  ? -3.262  12.778  -18.625 1.00 34.71 ? 28  GLU A CA  1 
ATOM   207 C C   . GLU A 1 28  ? -1.817  12.865  -19.108 1.00 33.21 ? 28  GLU A C   1 
ATOM   208 O O   . GLU A 1 28  ? -0.987  12.014  -18.782 1.00 31.24 ? 28  GLU A O   1 
ATOM   209 C CB  . GLU A 1 28  ? -4.187  12.737  -19.845 1.00 38.29 ? 28  GLU A CB  1 
ATOM   210 C CG  . GLU A 1 28  ? -5.673  12.775  -19.527 1.00 42.42 ? 28  GLU A CG  1 
ATOM   211 C CD  . GLU A 1 28  ? -6.145  14.147  -19.079 1.00 44.82 ? 28  GLU A CD  1 
ATOM   212 O OE1 . GLU A 1 28  ? -6.020  15.107  -19.871 1.00 46.40 ? 28  GLU A OE1 1 
ATOM   213 O OE2 . GLU A 1 28  ? -6.631  14.272  -17.932 1.00 45.96 ? 28  GLU A OE2 1 
ATOM   214 N N   . PHE A 1 29  ? -1.527  13.909  -19.881 1.00 32.54 ? 29  PHE A N   1 
ATOM   215 C CA  . PHE A 1 29  ? -0.199  14.113  -20.462 1.00 31.15 ? 29  PHE A CA  1 
ATOM   216 C C   . PHE A 1 29  ? 0.989   13.945  -19.516 1.00 29.90 ? 29  PHE A C   1 
ATOM   217 O O   . PHE A 1 29  ? 2.073   13.567  -19.951 1.00 30.88 ? 29  PHE A O   1 
ATOM   218 C CB  . PHE A 1 29  ? -0.139  15.490  -21.132 1.00 30.75 ? 29  PHE A CB  1 
ATOM   219 C CG  . PHE A 1 29  ? 0.266   16.607  -20.205 1.00 32.20 ? 29  PHE A CG  1 
ATOM   220 C CD1 . PHE A 1 29  ? 1.612   16.909  -20.008 1.00 31.03 ? 29  PHE A CD1 1 
ATOM   221 C CD2 . PHE A 1 29  ? -0.698  17.364  -19.541 1.00 31.65 ? 29  PHE A CD2 1 
ATOM   222 C CE1 . PHE A 1 29  ? 1.996   17.939  -19.154 1.00 32.78 ? 29  PHE A CE1 1 
ATOM   223 C CE2 . PHE A 1 29  ? -0.324  18.393  -18.683 1.00 32.82 ? 29  PHE A CE2 1 
ATOM   224 C CZ  . PHE A 1 29  ? 1.025   18.690  -18.490 1.00 32.75 ? 29  PHE A CZ  1 
ATOM   225 N N   . SER A 1 30  ? 0.798   14.218  -18.231 1.00 28.57 ? 30  SER A N   1 
ATOM   226 C CA  . SER A 1 30  ? 1.898   14.094  -17.277 1.00 27.48 ? 30  SER A CA  1 
ATOM   227 C C   . SER A 1 30  ? 1.668   13.049  -16.189 1.00 26.93 ? 30  SER A C   1 
ATOM   228 O O   . SER A 1 30  ? 2.510   12.868  -15.303 1.00 27.17 ? 30  SER A O   1 
ATOM   229 C CB  . SER A 1 30  ? 2.174   15.451  -16.627 1.00 28.16 ? 30  SER A CB  1 
ATOM   230 O OG  . SER A 1 30  ? 1.026   15.946  -15.951 1.00 30.44 ? 30  SER A OG  1 
ATOM   231 N N   . ALA A 1 31  ? 0.533   12.358  -16.255 1.00 25.50 ? 31  ALA A N   1 
ATOM   232 C CA  . ALA A 1 31  ? 0.192   11.335  -15.273 1.00 23.26 ? 31  ALA A CA  1 
ATOM   233 C C   . ALA A 1 31  ? 1.325   10.334  -15.049 1.00 22.59 ? 31  ALA A C   1 
ATOM   234 O O   . ALA A 1 31  ? 1.876   10.241  -13.950 1.00 21.24 ? 31  ALA A O   1 
ATOM   235 C CB  . ALA A 1 31  ? -1.069  10.602  -15.705 1.00 23.70 ? 31  ALA A CB  1 
ATOM   236 N N   . SER A 1 32  ? 1.670   9.593   -16.095 1.00 22.26 ? 32  SER A N   1 
ATOM   237 C CA  . SER A 1 32  ? 2.725   8.584   -16.010 1.00 23.40 ? 32  SER A CA  1 
ATOM   238 C C   . SER A 1 32  ? 4.060   9.173   -15.560 1.00 23.36 ? 32  SER A C   1 
ATOM   239 O O   . SER A 1 32  ? 4.886   8.470   -14.966 1.00 23.89 ? 32  SER A O   1 
ATOM   240 C CB  . SER A 1 32  ? 2.897   7.877   -17.355 1.00 22.71 ? 32  SER A CB  1 
ATOM   241 O OG  . SER A 1 32  ? 3.410   8.757   -18.339 1.00 25.33 ? 32  SER A OG  1 
ATOM   242 N N   . ALA A 1 33  ? 4.274   10.457  -15.842 1.00 21.93 ? 33  ALA A N   1 
ATOM   243 C CA  . ALA A 1 33  ? 5.514   11.121  -15.449 1.00 21.83 ? 33  ALA A CA  1 
ATOM   244 C C   . ALA A 1 33  ? 5.495   11.370  -13.943 1.00 22.05 ? 33  ALA A C   1 
ATOM   245 O O   . ALA A 1 33  ? 6.431   10.999  -13.225 1.00 20.77 ? 33  ALA A O   1 
ATOM   246 C CB  . ALA A 1 33  ? 5.663   12.438  -16.196 1.00 20.08 ? 33  ALA A CB  1 
ATOM   247 N N   . ARG A 1 34  ? 4.420   12.002  -13.475 1.00 21.81 ? 34  ARG A N   1 
ATOM   248 C CA  . ARG A 1 34  ? 4.255   12.308  -12.054 1.00 23.13 ? 34  ARG A CA  1 
ATOM   249 C C   . ARG A 1 34  ? 4.425   11.046  -11.210 1.00 22.24 ? 34  ARG A C   1 
ATOM   250 O O   . ARG A 1 34  ? 5.108   11.062  -10.182 1.00 23.11 ? 34  ARG A O   1 
ATOM   251 C CB  . ARG A 1 34  ? 2.861   12.896  -11.812 1.00 24.00 ? 34  ARG A CB  1 
ATOM   252 C CG  . ARG A 1 34  ? 2.542   14.154  -12.623 1.00 26.33 ? 34  ARG A CG  1 
ATOM   253 C CD  . ARG A 1 34  ? 3.017   15.407  -11.922 1.00 28.20 ? 34  ARG A CD  1 
ATOM   254 N NE  . ARG A 1 34  ? 2.471   15.501  -10.563 1.00 31.00 ? 34  ARG A NE  1 
ATOM   255 C CZ  . ARG A 1 34  ? 1.195   15.727  -10.275 1.00 30.30 ? 34  ARG A CZ  1 
ATOM   256 N NH1 . ARG A 1 34  ? 0.313   15.901  -11.251 1.00 30.71 ? 34  ARG A NH1 1 
ATOM   257 N NH2 . ARG A 1 34  ? 0.799   15.776  -9.012  1.00 28.83 ? 34  ARG A NH2 1 
ATOM   258 N N   . MET A 1 35  ? 3.798   9.962   -11.643 1.00 21.76 ? 35  MET A N   1 
ATOM   259 C CA  . MET A 1 35  ? 3.872   8.687   -10.935 1.00 22.41 ? 35  MET A CA  1 
ATOM   260 C C   . MET A 1 35  ? 5.291   8.140   -10.851 1.00 22.24 ? 35  MET A C   1 
ATOM   261 O O   . MET A 1 35  ? 5.733   7.697   -9.790  1.00 21.97 ? 35  MET A O   1 
ATOM   262 C CB  . MET A 1 35  ? 2.974   7.641   -11.597 1.00 22.38 ? 35  MET A CB  1 
ATOM   263 C CG  . MET A 1 35  ? 1.548   7.603   -11.062 1.00 25.45 ? 35  MET A CG  1 
ATOM   264 S SD  . MET A 1 35  ? 1.462   7.808   -9.257  1.00 27.98 ? 35  MET A SD  1 
ATOM   265 C CE  . MET A 1 35  ? 0.145   9.000   -9.114  1.00 25.35 ? 35  MET A CE  1 
ATOM   266 N N   . ASN A 1 36  ? 6.007   8.171   -11.970 1.00 21.76 ? 36  ASN A N   1 
ATOM   267 C CA  . ASN A 1 36  ? 7.370   7.662   -11.992 1.00 22.62 ? 36  ASN A CA  1 
ATOM   268 C C   . ASN A 1 36  ? 8.225   8.376   -10.956 1.00 22.55 ? 36  ASN A C   1 
ATOM   269 O O   . ASN A 1 36  ? 9.058   7.759   -10.295 1.00 23.24 ? 36  ASN A O   1 
ATOM   270 C CB  . ASN A 1 36  ? 7.981   7.831   -13.389 1.00 21.61 ? 36  ASN A CB  1 
ATOM   271 C CG  . ASN A 1 36  ? 9.084   6.825   -13.657 1.00 23.72 ? 36  ASN A CG  1 
ATOM   272 O OD1 . ASN A 1 36  ? 8.883   5.616   -13.508 1.00 22.32 ? 36  ASN A OD1 1 
ATOM   273 N ND2 . ASN A 1 36  ? 10.253  7.314   -14.063 1.00 21.06 ? 36  ASN A ND2 1 
ATOM   274 N N   . GLN A 1 37  ? 8.018   9.684   -10.814 1.00 23.25 ? 37  GLN A N   1 
ATOM   275 C CA  . GLN A 1 37  ? 8.773   10.461  -9.831  1.00 23.22 ? 37  GLN A CA  1 
ATOM   276 C C   . GLN A 1 37  ? 8.497   9.920   -8.431  1.00 24.67 ? 37  GLN A C   1 
ATOM   277 O O   . GLN A 1 37  ? 9.404   9.830   -7.605  1.00 25.44 ? 37  GLN A O   1 
ATOM   278 C CB  . GLN A 1 37  ? 8.383   11.937  -9.901  1.00 21.42 ? 37  GLN A CB  1 
ATOM   279 C CG  . GLN A 1 37  ? 8.896   12.664  -11.137 1.00 21.29 ? 37  GLN A CG  1 
ATOM   280 C CD  . GLN A 1 37  ? 10.414  12.717  -11.190 1.00 21.38 ? 37  GLN A CD  1 
ATOM   281 O OE1 . GLN A 1 37  ? 11.087  11.685  -11.230 1.00 21.07 ? 37  GLN A OE1 1 
ATOM   282 N NE2 . GLN A 1 37  ? 10.964  13.925  -11.201 1.00 23.33 ? 37  GLN A NE2 1 
ATOM   283 N N   . TYR A 1 38  ? 7.241   9.558   -8.166  1.00 24.30 ? 38  TYR A N   1 
ATOM   284 C CA  . TYR A 1 38  ? 6.868   9.020   -6.869  1.00 25.40 ? 38  TYR A CA  1 
ATOM   285 C C   . TYR A 1 38  ? 7.520   7.658   -6.638  1.00 26.81 ? 38  TYR A C   1 
ATOM   286 O O   . TYR A 1 38  ? 8.147   7.423   -5.600  1.00 26.53 ? 38  TYR A O   1 
ATOM   287 C CB  . TYR A 1 38  ? 5.350   8.859   -6.749  1.00 25.33 ? 38  TYR A CB  1 
ATOM   288 C CG  . TYR A 1 38  ? 4.573   10.136  -6.508  1.00 24.74 ? 38  TYR A CG  1 
ATOM   289 C CD1 . TYR A 1 38  ? 5.153   11.222  -5.845  1.00 24.68 ? 38  TYR A CD1 1 
ATOM   290 C CD2 . TYR A 1 38  ? 3.238   10.242  -6.899  1.00 24.25 ? 38  TYR A CD2 1 
ATOM   291 C CE1 . TYR A 1 38  ? 4.416   12.368  -5.557  1.00 25.16 ? 38  TYR A CE1 1 
ATOM   292 C CE2 . TYR A 1 38  ? 2.489   11.386  -6.613  1.00 25.10 ? 38  TYR A CE2 1 
ATOM   293 C CZ  . TYR A 1 38  ? 3.086   12.447  -5.955  1.00 25.25 ? 38  TYR A CZ  1 
ATOM   294 O OH  . TYR A 1 38  ? 2.350   13.572  -5.666  1.00 24.84 ? 38  TYR A OH  1 
ATOM   295 N N   . GLU A 1 39  ? 7.363   6.763   -7.611  1.00 27.24 ? 39  GLU A N   1 
ATOM   296 C CA  . GLU A 1 39  ? 7.919   5.420   -7.514  1.00 28.66 ? 39  GLU A CA  1 
ATOM   297 C C   . GLU A 1 39  ? 9.443   5.425   -7.494  1.00 29.53 ? 39  GLU A C   1 
ATOM   298 O O   . GLU A 1 39  ? 10.071  4.458   -7.063  1.00 30.17 ? 39  GLU A O   1 
ATOM   299 C CB  . GLU A 1 39  ? 7.420   4.565   -8.679  1.00 27.48 ? 39  GLU A CB  1 
ATOM   300 C CG  . GLU A 1 39  ? 5.904   4.482   -8.760  1.00 26.61 ? 39  GLU A CG  1 
ATOM   301 C CD  . GLU A 1 39  ? 5.431   3.479   -9.786  1.00 28.78 ? 39  GLU A CD  1 
ATOM   302 O OE1 . GLU A 1 39  ? 4.238   3.108   -9.747  1.00 30.71 ? 39  GLU A OE1 1 
ATOM   303 O OE2 . GLU A 1 39  ? 6.242   3.063   -10.645 1.00 27.64 ? 39  GLU A OE2 1 
ATOM   304 N N   . ARG A 1 40  ? 10.034  6.517   -7.966  1.00 31.55 ? 40  ARG A N   1 
ATOM   305 C CA  . ARG A 1 40  ? 11.487  6.646   -7.985  1.00 33.05 ? 40  ARG A CA  1 
ATOM   306 C C   . ARG A 1 40  ? 11.893  7.337   -6.689  1.00 32.69 ? 40  ARG A C   1 
ATOM   307 O O   . ARG A 1 40  ? 13.068  7.403   -6.342  1.00 32.08 ? 40  ARG A O   1 
ATOM   308 C CB  . ARG A 1 40  ? 11.933  7.490   -9.182  1.00 34.35 ? 40  ARG A CB  1 
ATOM   309 C CG  . ARG A 1 40  ? 13.416  7.391   -9.488  1.00 39.26 ? 40  ARG A CG  1 
ATOM   310 C CD  . ARG A 1 40  ? 13.733  6.107   -10.239 1.00 41.66 ? 40  ARG A CD  1 
ATOM   311 N NE  . ARG A 1 40  ? 13.164  6.119   -11.584 1.00 43.56 ? 40  ARG A NE  1 
ATOM   312 C CZ  . ARG A 1 40  ? 13.540  6.958   -12.546 1.00 43.87 ? 40  ARG A CZ  1 
ATOM   313 N NH1 . ARG A 1 40  ? 14.490  7.856   -12.313 1.00 43.28 ? 40  ARG A NH1 1 
ATOM   314 N NH2 . ARG A 1 40  ? 12.970  6.899   -13.745 1.00 44.19 ? 40  ARG A NH2 1 
ATOM   315 N N   . GLU A 1 41  ? 10.890  7.850   -5.987  1.00 33.11 ? 41  GLU A N   1 
ATOM   316 C CA  . GLU A 1 41  ? 11.085  8.557   -4.728  1.00 33.72 ? 41  GLU A CA  1 
ATOM   317 C C   . GLU A 1 41  ? 11.747  9.909   -4.948  1.00 34.59 ? 41  GLU A C   1 
ATOM   318 O O   . GLU A 1 41  ? 12.249  10.532  -4.008  1.00 34.55 ? 41  GLU A O   1 
ATOM   319 C CB  . GLU A 1 41  ? 11.909  7.707   -3.757  1.00 34.26 ? 41  GLU A CB  1 
ATOM   320 C CG  . GLU A 1 41  ? 11.307  6.337   -3.488  1.00 32.73 ? 41  GLU A CG  1 
ATOM   321 C CD  . GLU A 1 41  ? 11.840  5.708   -2.222  1.00 33.46 ? 41  GLU A CD  1 
ATOM   322 O OE1 . GLU A 1 41  ? 12.929  6.115   -1.764  1.00 33.91 ? 41  GLU A OE1 1 
ATOM   323 O OE2 . GLU A 1 41  ? 11.180  4.792   -1.688  1.00 33.22 ? 41  GLU A OE2 1 
ATOM   324 N N   . ARG A 1 42  ? 11.755  10.356  -6.200  1.00 35.53 ? 42  ARG A N   1 
ATOM   325 C CA  . ARG A 1 42  ? 12.318  11.645  -6.565  1.00 36.31 ? 42  ARG A CA  1 
ATOM   326 C C   . ARG A 1 42  ? 11.320  12.705  -6.113  1.00 35.71 ? 42  ARG A C   1 
ATOM   327 O O   . ARG A 1 42  ? 11.649  13.890  -6.004  1.00 35.92 ? 42  ARG A O   1 
ATOM   328 C CB  . ARG A 1 42  ? 12.517  11.753  -8.076  1.00 38.60 ? 42  ARG A CB  1 
ATOM   329 C CG  . ARG A 1 42  ? 13.744  11.049  -8.626  1.00 42.58 ? 42  ARG A CG  1 
ATOM   330 C CD  . ARG A 1 42  ? 14.676  12.044  -9.314  1.00 47.49 ? 42  ARG A CD  1 
ATOM   331 N NE  . ARG A 1 42  ? 15.475  11.425  -10.373 1.00 51.04 ? 42  ARG A NE  1 
ATOM   332 C CZ  . ARG A 1 42  ? 15.035  11.210  -11.613 1.00 52.24 ? 42  ARG A CZ  1 
ATOM   333 N NH1 . ARG A 1 42  ? 13.811  11.584  -11.964 1.00 52.63 ? 42  ARG A NH1 1 
ATOM   334 N NH2 . ARG A 1 42  ? 15.832  10.643  -12.510 1.00 53.36 ? 42  ARG A NH2 1 
ATOM   335 N N   . HIS A 1 43  ? 10.088  12.260  -5.883  1.00 33.82 ? 43  HIS A N   1 
ATOM   336 C CA  . HIS A 1 43  ? 8.998   13.113  -5.431  1.00 32.14 ? 43  HIS A CA  1 
ATOM   337 C C   . HIS A 1 43  ? 8.276   12.408  -4.293  1.00 31.12 ? 43  HIS A C   1 
ATOM   338 O O   . HIS A 1 43  ? 8.083   11.187  -4.330  1.00 30.79 ? 43  HIS A O   1 
ATOM   339 C CB  . HIS A 1 43  ? 8.019   13.395  -6.573  1.00 32.79 ? 43  HIS A CB  1 
ATOM   340 C CG  . HIS A 1 43  ? 8.452   14.511  -7.487  1.00 32.77 ? 43  HIS A CG  1 
ATOM   341 N ND1 . HIS A 1 43  ? 7.735   14.886  -8.587  1.00 32.35 ? 43  HIS A ND1 1 
ATOM   342 C CD2 . HIS A 1 43  ? 9.531   15.329  -7.436  1.00 32.76 ? 43  HIS A CD2 1 
ATOM   343 C CE1 . HIS A 1 43  ? 8.337   15.892  -9.192  1.00 33.06 ? 43  HIS A CE1 1 
ATOM   344 N NE2 . HIS A 1 43  ? 9.444   16.180  -8.503  1.00 31.78 ? 43  HIS A NE2 1 
ATOM   345 N N   . SER A 1 44  ? 7.881   13.171  -3.277  1.00 29.33 ? 44  SER A N   1 
ATOM   346 C CA  . SER A 1 44  ? 7.194   12.592  -2.124  1.00 28.38 ? 44  SER A CA  1 
ATOM   347 C C   . SER A 1 44  ? 5.736   13.014  -2.033  1.00 27.06 ? 44  SER A C   1 
ATOM   348 O O   . SER A 1 44  ? 5.421   14.196  -1.899  1.00 25.30 ? 44  SER A O   1 
ATOM   349 C CB  . SER A 1 44  ? 7.918   12.983  -0.836  1.00 29.33 ? 44  SER A CB  1 
ATOM   350 O OG  . SER A 1 44  ? 9.242   12.476  -0.824  1.00 32.65 ? 44  SER A OG  1 
ATOM   351 N N   . PRO A 1 45  ? 4.814   12.036  -2.105  1.00 27.31 ? 45  PRO A N   1 
ATOM   352 C CA  . PRO A 1 45  ? 3.372   12.316  -2.024  1.00 26.68 ? 45  PRO A CA  1 
ATOM   353 C C   . PRO A 1 45  ? 2.960   12.697  -0.603  1.00 27.05 ? 45  PRO A C   1 
ATOM   354 O O   . PRO A 1 45  ? 3.208   11.950  0.345   1.00 25.83 ? 45  PRO A O   1 
ATOM   355 C CB  . PRO A 1 45  ? 2.746   11.006  -2.479  1.00 25.75 ? 45  PRO A CB  1 
ATOM   356 C CG  . PRO A 1 45  ? 3.726   9.988   -1.981  1.00 26.24 ? 45  PRO A CG  1 
ATOM   357 C CD  . PRO A 1 45  ? 5.055   10.604  -2.348  1.00 26.10 ? 45  PRO A CD  1 
ATOM   358 N N   . ASN A 1 46  ? 2.338   13.869  -0.457  1.00 26.67 ? 46  ASN A N   1 
ATOM   359 C CA  . ASN A 1 46  ? 1.903   14.329  0.853   1.00 26.40 ? 46  ASN A CA  1 
ATOM   360 C C   . ASN A 1 46  ? 0.803   13.423  1.401   1.00 25.93 ? 46  ASN A C   1 
ATOM   361 O O   . ASN A 1 46  ? 0.213   12.635  0.664   1.00 25.58 ? 46  ASN A O   1 
ATOM   362 C CB  . ASN A 1 46  ? 1.395   15.773  0.780   1.00 26.50 ? 46  ASN A CB  1 
ATOM   363 C CG  . ASN A 1 46  ? 0.193   15.924  -0.132  1.00 27.37 ? 46  ASN A CG  1 
ATOM   364 O OD1 . ASN A 1 46  ? -0.661  15.041  -0.201  1.00 27.96 ? 46  ASN A OD1 1 
ATOM   365 N ND2 . ASN A 1 46  ? 0.107   17.058  -0.818  1.00 25.76 ? 46  ASN A ND2 1 
ATOM   366 N N   . MET A 1 47  ? 0.533   13.540  2.696   1.00 26.26 ? 47  MET A N   1 
ATOM   367 C CA  . MET A 1 47  ? -0.497  12.728  3.337   1.00 26.15 ? 47  MET A CA  1 
ATOM   368 C C   . MET A 1 47  ? -1.812  12.661  2.559   1.00 25.72 ? 47  MET A C   1 
ATOM   369 O O   . MET A 1 47  ? -2.385  11.581  2.402   1.00 25.33 ? 47  MET A O   1 
ATOM   370 C CB  . MET A 1 47  ? -0.762  13.219  4.763   1.00 25.61 ? 47  MET A CB  1 
ATOM   371 C CG  . MET A 1 47  ? 0.285   12.764  5.774   1.00 26.15 ? 47  MET A CG  1 
ATOM   372 S SD  . MET A 1 47  ? 0.568   10.975  5.734   1.00 26.37 ? 47  MET A SD  1 
ATOM   373 C CE  . MET A 1 47  ? -0.407  10.452  7.151   1.00 26.20 ? 47  MET A CE  1 
ATOM   374 N N   . ARG A 1 48  ? -2.290  13.800  2.073   1.00 26.03 ? 48  ARG A N   1 
ATOM   375 C CA  . ARG A 1 48  ? -3.544  13.824  1.311   1.00 25.69 ? 48  ARG A CA  1 
ATOM   376 C C   . ARG A 1 48  ? -3.443  12.881  0.115   1.00 24.49 ? 48  ARG A C   1 
ATOM   377 O O   . ARG A 1 48  ? -4.292  12.021  -0.081  1.00 21.35 ? 48  ARG A O   1 
ATOM   378 C CB  . ARG A 1 48  ? -3.844  15.243  0.806   1.00 29.25 ? 48  ARG A CB  1 
ATOM   379 C CG  . ARG A 1 48  ? -5.144  15.842  1.353   1.00 32.87 ? 48  ARG A CG  1 
ATOM   380 C CD  . ARG A 1 48  ? -5.391  17.243  0.787   1.00 37.15 ? 48  ARG A CD  1 
ATOM   381 N NE  . ARG A 1 48  ? -6.569  17.327  -0.081  1.00 42.55 ? 48  ARG A NE  1 
ATOM   382 C CZ  . ARG A 1 48  ? -6.728  16.637  -1.216  1.00 44.39 ? 48  ARG A CZ  1 
ATOM   383 N NH1 . ARG A 1 48  ? -5.785  15.797  -1.630  1.00 45.07 ? 48  ARG A NH1 1 
ATOM   384 N NH2 . ARG A 1 48  ? -7.832  16.794  -1.935  1.00 44.62 ? 48  ARG A NH2 1 
ATOM   385 N N   . THR A 1 49  ? -2.390  13.061  -0.686  1.00 23.59 ? 49  THR A N   1 
ATOM   386 C CA  . THR A 1 49  ? -2.173  12.241  -1.863  1.00 23.34 ? 49  THR A CA  1 
ATOM   387 C C   . THR A 1 49  ? -1.957  10.779  -1.483  1.00 23.49 ? 49  THR A C   1 
ATOM   388 O O   . THR A 1 49  ? -2.393  9.866   -2.200  1.00 22.69 ? 49  THR A O   1 
ATOM   389 C CB  . THR A 1 49  ? -0.954  12.730  -2.662  1.00 23.95 ? 49  THR A CB  1 
ATOM   390 O OG1 . THR A 1 49  ? -1.135  14.108  -3.004  1.00 26.96 ? 49  THR A OG1 1 
ATOM   391 C CG2 . THR A 1 49  ? -0.786  11.923  -3.937  1.00 23.28 ? 49  THR A CG2 1 
ATOM   392 N N   . SER A 1 50  ? -1.283  10.550  -0.365  1.00 22.28 ? 50  SER A N   1 
ATOM   393 C CA  . SER A 1 50  ? -1.019  9.193   0.104   1.00 22.93 ? 50  SER A CA  1 
ATOM   394 C C   . SER A 1 50  ? -2.327  8.456   0.361   1.00 23.47 ? 50  SER A C   1 
ATOM   395 O O   . SER A 1 50  ? -2.466  7.278   0.027   1.00 22.94 ? 50  SER A O   1 
ATOM   396 C CB  . SER A 1 50  ? -0.192  9.223   1.392   1.00 21.95 ? 50  SER A CB  1 
ATOM   397 O OG  . SER A 1 50  ? 1.091   9.782   1.161   1.00 24.86 ? 50  SER A OG  1 
ATOM   398 N N   . GLU A 1 51  ? -3.290  9.161   0.955   1.00 24.13 ? 51  GLU A N   1 
ATOM   399 C CA  . GLU A 1 51  ? -4.588  8.571   1.258   1.00 24.31 ? 51  GLU A CA  1 
ATOM   400 C C   . GLU A 1 51  ? -5.315  8.203   -0.034  1.00 22.88 ? 51  GLU A C   1 
ATOM   401 O O   . GLU A 1 51  ? -6.034  7.205   -0.083  1.00 21.71 ? 51  GLU A O   1 
ATOM   402 C CB  . GLU A 1 51  ? -5.434  9.560   2.070   1.00 26.81 ? 51  GLU A CB  1 
ATOM   403 C CG  . GLU A 1 51  ? -6.284  8.909   3.149   1.00 29.70 ? 51  GLU A CG  1 
ATOM   404 C CD  . GLU A 1 51  ? -7.080  9.923   3.952   1.00 32.79 ? 51  GLU A CD  1 
ATOM   405 O OE1 . GLU A 1 51  ? -6.571  11.048  4.167   1.00 33.49 ? 51  GLU A OE1 1 
ATOM   406 O OE2 . GLU A 1 51  ? -8.205  9.588   4.389   1.00 34.71 ? 51  GLU A OE2 1 
ATOM   407 N N   . GLN A 1 52  ? -5.125  9.014   -1.072  1.00 21.32 ? 52  GLN A N   1 
ATOM   408 C CA  . GLN A 1 52  ? -5.765  8.773   -2.361  1.00 22.12 ? 52  GLN A CA  1 
ATOM   409 C C   . GLN A 1 52  ? -5.178  7.532   -3.026  1.00 21.84 ? 52  GLN A C   1 
ATOM   410 O O   . GLN A 1 52  ? -5.908  6.703   -3.577  1.00 22.86 ? 52  GLN A O   1 
ATOM   411 C CB  . GLN A 1 52  ? -5.571  9.974   -3.293  1.00 23.00 ? 52  GLN A CB  1 
ATOM   412 C CG  . GLN A 1 52  ? -6.142  11.279  -2.777  1.00 25.50 ? 52  GLN A CG  1 
ATOM   413 C CD  . GLN A 1 52  ? -5.957  12.419  -3.764  1.00 26.67 ? 52  GLN A CD  1 
ATOM   414 O OE1 . GLN A 1 52  ? -5.704  13.561  -3.367  1.00 28.30 ? 52  GLN A OE1 1 
ATOM   415 N NE2 . GLN A 1 52  ? -6.097  12.119  -5.046  1.00 26.84 ? 52  GLN A NE2 1 
ATOM   416 N N   . LEU A 1 53  ? -3.855  7.414   -2.980  1.00 20.38 ? 53  LEU A N   1 
ATOM   417 C CA  . LEU A 1 53  ? -3.154  6.281   -3.571  1.00 19.35 ? 53  LEU A CA  1 
ATOM   418 C C   . LEU A 1 53  ? -3.542  4.980   -2.895  1.00 18.12 ? 53  LEU A C   1 
ATOM   419 O O   . LEU A 1 53  ? -3.796  3.977   -3.561  1.00 18.58 ? 53  LEU A O   1 
ATOM   420 C CB  . LEU A 1 53  ? -1.644  6.489   -3.465  1.00 18.22 ? 53  LEU A CB  1 
ATOM   421 C CG  . LEU A 1 53  ? -1.060  7.589   -4.356  1.00 17.79 ? 53  LEU A CG  1 
ATOM   422 C CD1 . LEU A 1 53  ? 0.387   7.859   -3.974  1.00 17.48 ? 53  LEU A CD1 1 
ATOM   423 C CD2 . LEU A 1 53  ? -1.162  7.157   -5.815  1.00 16.10 ? 53  LEU A CD2 1 
ATOM   424 N N   . ALA A 1 54  ? -3.584  4.998   -1.567  1.00 18.15 ? 54  ALA A N   1 
ATOM   425 C CA  . ALA A 1 54  ? -3.946  3.817   -0.798  1.00 18.02 ? 54  ALA A CA  1 
ATOM   426 C C   . ALA A 1 54  ? -5.354  3.351   -1.139  1.00 18.84 ? 54  ALA A C   1 
ATOM   427 O O   . ALA A 1 54  ? -5.583  2.165   -1.386  1.00 20.03 ? 54  ALA A O   1 
ATOM   428 C CB  . ALA A 1 54  ? -3.839  4.115   0.695   1.00 19.29 ? 54  ALA A CB  1 
ATOM   429 N N   . MET A 1 55  ? -6.300  4.286   -1.154  1.00 19.21 ? 55  MET A N   1 
ATOM   430 C CA  . MET A 1 55  ? -7.689  3.961   -1.458  1.00 20.58 ? 55  MET A CA  1 
ATOM   431 C C   . MET A 1 55  ? -7.801  3.319   -2.835  1.00 20.58 ? 55  MET A C   1 
ATOM   432 O O   . MET A 1 55  ? -8.390  2.252   -2.986  1.00 19.22 ? 55  MET A O   1 
ATOM   433 C CB  . MET A 1 55  ? -8.542  5.233   -1.410  1.00 23.86 ? 55  MET A CB  1 
ATOM   434 C CG  . MET A 1 55  ? -10.039 4.980   -1.383  1.00 27.73 ? 55  MET A CG  1 
ATOM   435 S SD  . MET A 1 55  ? -10.535 4.006   0.057   1.00 33.87 ? 55  MET A SD  1 
ATOM   436 C CE  . MET A 1 55  ? -10.175 5.166   1.378   1.00 31.98 ? 55  MET A CE  1 
ATOM   437 N N   . VAL A 1 56  ? -7.226  3.981   -3.842  1.00 20.65 ? 56  VAL A N   1 
ATOM   438 C CA  . VAL A 1 56  ? -7.262  3.479   -5.209  1.00 21.74 ? 56  VAL A CA  1 
ATOM   439 C C   . VAL A 1 56  ? -6.575  2.127   -5.330  1.00 22.97 ? 56  VAL A C   1 
ATOM   440 O O   . VAL A 1 56  ? -7.162  1.169   -5.841  1.00 24.25 ? 56  VAL A O   1 
ATOM   441 C CB  . VAL A 1 56  ? -6.581  4.466   -6.181  1.00 21.80 ? 56  VAL A CB  1 
ATOM   442 C CG1 . VAL A 1 56  ? -6.584  3.901   -7.591  1.00 20.16 ? 56  VAL A CG1 1 
ATOM   443 C CG2 . VAL A 1 56  ? -7.297  5.806   -6.142  1.00 20.45 ? 56  VAL A CG2 1 
ATOM   444 N N   . LEU A 1 57  ? -5.333  2.047   -4.862  1.00 23.31 ? 57  LEU A N   1 
ATOM   445 C CA  . LEU A 1 57  ? -4.567  0.803   -4.920  1.00 22.96 ? 57  LEU A CA  1 
ATOM   446 C C   . LEU A 1 57  ? -5.191  -0.303  -4.078  1.00 21.63 ? 57  LEU A C   1 
ATOM   447 O O   . LEU A 1 57  ? -4.844  -1.474  -4.234  1.00 20.46 ? 57  LEU A O   1 
ATOM   448 C CB  . LEU A 1 57  ? -3.122  1.045   -4.475  1.00 23.36 ? 57  LEU A CB  1 
ATOM   449 C CG  . LEU A 1 57  ? -2.139  1.515   -5.549  1.00 24.58 ? 57  LEU A CG  1 
ATOM   450 C CD1 . LEU A 1 57  ? -0.818  1.890   -4.895  1.00 26.11 ? 57  LEU A CD1 1 
ATOM   451 C CD2 . LEU A 1 57  ? -1.941  0.412   -6.571  1.00 27.35 ? 57  LEU A CD2 1 
ATOM   452 N N   . GLN A 1 58  ? -6.099  0.075   -3.184  1.00 21.20 ? 58  GLN A N   1 
ATOM   453 C CA  . GLN A 1 58  ? -6.766  -0.897  -2.322  1.00 22.73 ? 58  GLN A CA  1 
ATOM   454 C C   . GLN A 1 58  ? -5.819  -1.549  -1.323  1.00 22.95 ? 58  GLN A C   1 
ATOM   455 O O   . GLN A 1 58  ? -5.976  -2.727  -0.982  1.00 22.88 ? 58  GLN A O   1 
ATOM   456 C CB  . GLN A 1 58  ? -7.439  -1.981  -3.163  1.00 24.26 ? 58  GLN A CB  1 
ATOM   457 C CG  . GLN A 1 58  ? -8.772  -1.579  -3.777  1.00 29.27 ? 58  GLN A CG  1 
ATOM   458 C CD  . GLN A 1 58  ? -9.888  -1.533  -2.755  1.00 32.08 ? 58  GLN A CD  1 
ATOM   459 O OE1 . GLN A 1 58  ? -9.941  -0.647  -1.897  1.00 32.84 ? 58  GLN A OE1 1 
ATOM   460 N NE2 . GLN A 1 58  ? -10.793 -2.510  -2.835  1.00 33.94 ? 58  GLN A NE2 1 
ATOM   461 N N   . VAL A 1 59  ? -4.834  -0.789  -0.850  1.00 22.76 ? 59  VAL A N   1 
ATOM   462 C CA  . VAL A 1 59  ? -3.879  -1.300  0.128   1.00 20.69 ? 59  VAL A CA  1 
ATOM   463 C C   . VAL A 1 59  ? -3.760  -0.332  1.291   1.00 20.97 ? 59  VAL A C   1 
ATOM   464 O O   . VAL A 1 59  ? -3.918  0.883   1.122   1.00 22.63 ? 59  VAL A O   1 
ATOM   465 C CB  . VAL A 1 59  ? -2.475  -1.507  -0.490  1.00 20.06 ? 59  VAL A CB  1 
ATOM   466 C CG1 . VAL A 1 59  ? -2.483  -2.718  -1.400  1.00 19.04 ? 59  VAL A CG1 1 
ATOM   467 C CG2 . VAL A 1 59  ? -2.066  -0.259  -1.266  1.00 19.99 ? 59  VAL A CG2 1 
ATOM   468 N N   . PRO A 1 60  ? -3.490  -0.849  2.501   1.00 19.34 ? 60  PRO A N   1 
ATOM   469 C CA  . PRO A 1 60  ? -3.347  0.006   3.685   1.00 17.68 ? 60  PRO A CA  1 
ATOM   470 C C   . PRO A 1 60  ? -2.233  1.027   3.485   1.00 16.22 ? 60  PRO A C   1 
ATOM   471 O O   . PRO A 1 60  ? -1.161  0.690   2.991   1.00 15.36 ? 60  PRO A O   1 
ATOM   472 C CB  . PRO A 1 60  ? -3.020  -0.993  4.790   1.00 17.33 ? 60  PRO A CB  1 
ATOM   473 C CG  . PRO A 1 60  ? -3.730  -2.225  4.344   1.00 17.95 ? 60  PRO A CG  1 
ATOM   474 C CD  . PRO A 1 60  ? -3.404  -2.269  2.873   1.00 18.39 ? 60  PRO A CD  1 
ATOM   475 N N   . MET A 1 61  ? -2.500  2.268   3.866   1.00 15.93 ? 61  MET A N   1 
ATOM   476 C CA  . MET A 1 61  ? -1.504  3.324   3.734   1.00 18.27 ? 61  MET A CA  1 
ATOM   477 C C   . MET A 1 61  ? -0.192  2.884   4.365   1.00 18.40 ? 61  MET A C   1 
ATOM   478 O O   . MET A 1 61  ? 0.890   3.197   3.860   1.00 17.46 ? 61  MET A O   1 
ATOM   479 C CB  . MET A 1 61  ? -1.998  4.605   4.414   1.00 20.65 ? 61  MET A CB  1 
ATOM   480 C CG  . MET A 1 61  ? -0.893  5.608   4.704   1.00 23.63 ? 61  MET A CG  1 
ATOM   481 S SD  . MET A 1 61  ? -1.487  7.061   5.579   1.00 28.43 ? 61  MET A SD  1 
ATOM   482 C CE  . MET A 1 61  ? -2.016  8.081   4.224   1.00 27.68 ? 61  MET A CE  1 
ATOM   483 N N   . ALA A 1 62  ? -0.298  2.150   5.474   1.00 18.23 ? 62  ALA A N   1 
ATOM   484 C CA  . ALA A 1 62  ? 0.875   1.665   6.186   1.00 20.36 ? 62  ALA A CA  1 
ATOM   485 C C   . ALA A 1 62  ? 1.799   0.852   5.281   1.00 20.35 ? 62  ALA A C   1 
ATOM   486 O O   . ALA A 1 62  ? 3.020   0.965   5.373   1.00 20.84 ? 62  ALA A O   1 
ATOM   487 C CB  . ALA A 1 62  ? 0.440   0.817   7.378   1.00 21.22 ? 62  ALA A CB  1 
ATOM   488 N N   . TYR A 1 63  ? 1.209   0.035   4.414   1.00 19.72 ? 63  TYR A N   1 
ATOM   489 C CA  . TYR A 1 63  ? 1.979   -0.791  3.499   1.00 20.16 ? 63  TYR A CA  1 
ATOM   490 C C   . TYR A 1 63  ? 2.960   0.052   2.683   1.00 19.84 ? 63  TYR A C   1 
ATOM   491 O O   . TYR A 1 63  ? 4.136   -0.299  2.548   1.00 17.32 ? 63  TYR A O   1 
ATOM   492 C CB  . TYR A 1 63  ? 1.049   -1.541  2.545   1.00 21.57 ? 63  TYR A CB  1 
ATOM   493 C CG  . TYR A 1 63  ? 1.772   -2.316  1.469   1.00 23.04 ? 63  TYR A CG  1 
ATOM   494 C CD1 . TYR A 1 63  ? 2.556   -3.422  1.790   1.00 23.83 ? 63  TYR A CD1 1 
ATOM   495 C CD2 . TYR A 1 63  ? 1.727   -1.903  0.133   1.00 23.89 ? 63  TYR A CD2 1 
ATOM   496 C CE1 . TYR A 1 63  ? 3.246   -4.131  0.799   1.00 23.91 ? 63  TYR A CE1 1 
ATOM   497 C CE2 . TYR A 1 63  ? 2.410   -2.601  -0.861  1.00 22.71 ? 63  TYR A CE2 1 
ATOM   498 C CZ  . TYR A 1 63  ? 3.183   -3.699  -0.516  1.00 22.95 ? 63  TYR A CZ  1 
ATOM   499 O OH  . TYR A 1 63  ? 3.867   -4.386  -1.488  1.00 25.32 ? 63  TYR A OH  1 
ATOM   500 N N   . LEU A 1 64  ? 2.459   1.156   2.141   1.00 19.19 ? 64  LEU A N   1 
ATOM   501 C CA  . LEU A 1 64  ? 3.278   2.054   1.325   1.00 19.20 ? 64  LEU A CA  1 
ATOM   502 C C   . LEU A 1 64  ? 4.388   2.716   2.135   1.00 18.60 ? 64  LEU A C   1 
ATOM   503 O O   . LEU A 1 64  ? 5.278   3.357   1.577   1.00 18.00 ? 64  LEU A O   1 
ATOM   504 C CB  . LEU A 1 64  ? 2.385   3.119   0.692   1.00 19.38 ? 64  LEU A CB  1 
ATOM   505 C CG  . LEU A 1 64  ? 1.248   2.564   -0.179  1.00 18.15 ? 64  LEU A CG  1 
ATOM   506 C CD1 . LEU A 1 64  ? 0.240   3.658   -0.484  1.00 19.34 ? 64  LEU A CD1 1 
ATOM   507 C CD2 . LEU A 1 64  ? 1.824   1.985   -1.458  1.00 19.14 ? 64  LEU A CD2 1 
ATOM   508 N N   . TYR A 1 65  ? 4.337   2.541   3.452   1.00 19.00 ? 65  TYR A N   1 
ATOM   509 C CA  . TYR A 1 65  ? 5.340   3.111   4.354   1.00 19.91 ? 65  TYR A CA  1 
ATOM   510 C C   . TYR A 1 65  ? 5.969   2.020   5.215   1.00 21.15 ? 65  TYR A C   1 
ATOM   511 O O   . TYR A 1 65  ? 6.449   2.289   6.316   1.00 20.89 ? 65  TYR A O   1 
ATOM   512 C CB  . TYR A 1 65  ? 4.700   4.168   5.258   1.00 20.85 ? 65  TYR A CB  1 
ATOM   513 C CG  . TYR A 1 65  ? 4.432   5.492   4.582   1.00 21.49 ? 65  TYR A CG  1 
ATOM   514 C CD1 . TYR A 1 65  ? 5.460   6.419   4.384   1.00 21.17 ? 65  TYR A CD1 1 
ATOM   515 C CD2 . TYR A 1 65  ? 3.153   5.818   4.125   1.00 21.63 ? 65  TYR A CD2 1 
ATOM   516 C CE1 . TYR A 1 65  ? 5.217   7.642   3.767   1.00 21.77 ? 65  TYR A CE1 1 
ATOM   517 C CE2 . TYR A 1 65  ? 2.902   7.043   3.499   1.00 21.83 ? 65  TYR A CE2 1 
ATOM   518 C CZ  . TYR A 1 65  ? 3.938   7.943   3.319   1.00 21.04 ? 65  TYR A CZ  1 
ATOM   519 O OH  . TYR A 1 65  ? 3.688   9.147   2.701   1.00 22.03 ? 65  TYR A OH  1 
ATOM   520 N N   . CYS A 1 66  ? 5.965   0.791   4.708   1.00 22.67 ? 66  CYS A N   1 
ATOM   521 C CA  . CYS A 1 66  ? 6.534   -0.346  5.429   1.00 23.59 ? 66  CYS A CA  1 
ATOM   522 C C   . CYS A 1 66  ? 7.836   -0.821  4.793   1.00 23.45 ? 66  CYS A C   1 
ATOM   523 O O   . CYS A 1 66  ? 7.827   -1.660  3.897   1.00 24.33 ? 66  CYS A O   1 
ATOM   524 C CB  . CYS A 1 66  ? 5.526   -1.494  5.465   1.00 23.80 ? 66  CYS A CB  1 
ATOM   525 S SG  . CYS A 1 66  ? 6.210   -3.045  6.080   1.00 23.94 ? 66  CYS A SG  1 
ATOM   526 N N   . PRO A 1 67  ? 8.976   -0.290  5.249   1.00 24.19 ? 67  PRO A N   1 
ATOM   527 C CA  . PRO A 1 67  ? 10.282  -0.680  4.701   1.00 24.79 ? 67  PRO A CA  1 
ATOM   528 C C   . PRO A 1 67  ? 10.658  -2.140  4.969   1.00 24.80 ? 67  PRO A C   1 
ATOM   529 O O   . PRO A 1 67  ? 11.393  -2.744  4.191   1.00 22.93 ? 67  PRO A O   1 
ATOM   530 C CB  . PRO A 1 67  ? 11.246  0.308   5.355   1.00 23.77 ? 67  PRO A CB  1 
ATOM   531 C CG  . PRO A 1 67  ? 10.598  0.573   6.675   1.00 25.22 ? 67  PRO A CG  1 
ATOM   532 C CD  . PRO A 1 67  ? 9.143   0.737   6.296   1.00 24.37 ? 67  PRO A CD  1 
ATOM   533 N N   . GLU A 1 68  ? 10.163  -2.699  6.072   1.00 25.47 ? 68  GLU A N   1 
ATOM   534 C CA  . GLU A 1 68  ? 10.455  -4.085  6.407   1.00 26.72 ? 68  GLU A CA  1 
ATOM   535 C C   . GLU A 1 68  ? 9.680   -5.012  5.486   1.00 27.80 ? 68  GLU A C   1 
ATOM   536 O O   . GLU A 1 68  ? 8.462   -5.127  5.590   1.00 27.83 ? 68  GLU A O   1 
ATOM   537 C CB  . GLU A 1 68  ? 10.089  -4.385  7.861   1.00 28.31 ? 68  GLU A CB  1 
ATOM   538 C CG  . GLU A 1 68  ? 11.018  -3.778  8.910   1.00 30.85 ? 68  GLU A CG  1 
ATOM   539 C CD  . GLU A 1 68  ? 10.687  -2.333  9.219   1.00 32.87 ? 68  GLU A CD  1 
ATOM   540 O OE1 . GLU A 1 68  ? 9.481   -1.995  9.252   1.00 32.20 ? 68  GLU A OE1 1 
ATOM   541 O OE2 . GLU A 1 68  ? 11.623  -1.540  9.468   1.00 34.74 ? 68  GLU A OE2 1 
ATOM   542 N N   . ASP A 1 69  ? 10.389  -5.679  4.579   1.00 29.44 ? 69  ASP A N   1 
ATOM   543 C CA  . ASP A 1 69  ? 9.749   -6.588  3.620   1.00 30.83 ? 69  ASP A CA  1 
ATOM   544 C C   . ASP A 1 69  ? 8.828   -7.623  4.258   1.00 30.35 ? 69  ASP A C   1 
ATOM   545 O O   . ASP A 1 69  ? 7.722   -7.849  3.768   1.00 29.43 ? 69  ASP A O   1 
ATOM   546 C CB  . ASP A 1 69  ? 10.810  -7.291  2.775   1.00 32.58 ? 69  ASP A CB  1 
ATOM   547 C CG  . ASP A 1 69  ? 11.612  -6.331  1.912   1.00 35.92 ? 69  ASP A CG  1 
ATOM   548 O OD1 . ASP A 1 69  ? 11.025  -5.709  1.000   1.00 36.96 ? 69  ASP A OD1 1 
ATOM   549 O OD2 . ASP A 1 69  ? 12.831  -6.181  2.159   1.00 37.29 ? 69  ASP A OD2 1 
ATOM   550 N N   . GLU A 1 70  ? 9.268   -8.257  5.340   1.00 30.65 ? 70  GLU A N   1 
ATOM   551 C CA  . GLU A 1 70  ? 8.439   -9.266  5.998   1.00 30.06 ? 70  GLU A CA  1 
ATOM   552 C C   . GLU A 1 70  ? 7.128   -8.698  6.531   1.00 27.68 ? 70  GLU A C   1 
ATOM   553 O O   . GLU A 1 70  ? 6.062   -9.262  6.296   1.00 26.65 ? 70  GLU A O   1 
ATOM   554 C CB  . GLU A 1 70  ? 9.195   -9.934  7.157   1.00 33.09 ? 70  GLU A CB  1 
ATOM   555 C CG  . GLU A 1 70  ? 9.980   -11.177 6.766   1.00 37.34 ? 70  GLU A CG  1 
ATOM   556 C CD  . GLU A 1 70  ? 10.180  -12.116 7.945   1.00 39.82 ? 70  GLU A CD  1 
ATOM   557 O OE1 . GLU A 1 70  ? 9.161   -12.530 8.555   1.00 41.33 ? 70  GLU A OE1 1 
ATOM   558 O OE2 . GLU A 1 70  ? 11.343  -12.446 8.260   1.00 39.37 ? 70  GLU A OE2 1 
ATOM   559 N N   . LEU A 1 71  ? 7.215   -7.585  7.249   1.00 25.74 ? 71  LEU A N   1 
ATOM   560 C CA  . LEU A 1 71  ? 6.027   -6.960  7.819   1.00 24.89 ? 71  LEU A CA  1 
ATOM   561 C C   . LEU A 1 71  ? 5.037   -6.527  6.742   1.00 23.58 ? 71  LEU A C   1 
ATOM   562 O O   . LEU A 1 71  ? 3.841   -6.815  6.833   1.00 22.64 ? 71  LEU A O   1 
ATOM   563 C CB  . LEU A 1 71  ? 6.420   -5.748  8.674   1.00 24.00 ? 71  LEU A CB  1 
ATOM   564 C CG  . LEU A 1 71  ? 5.301   -5.189  9.553   1.00 25.38 ? 71  LEU A CG  1 
ATOM   565 C CD1 . LEU A 1 71  ? 4.703   -6.312  10.387  1.00 25.40 ? 71  LEU A CD1 1 
ATOM   566 C CD2 . LEU A 1 71  ? 5.848   -4.094  10.454  1.00 23.43 ? 71  LEU A CD2 1 
ATOM   567 N N   . ALA A 1 72  ? 5.539   -5.834  5.730   1.00 22.29 ? 72  ALA A N   1 
ATOM   568 C CA  . ALA A 1 72  ? 4.693   -5.366  4.632   1.00 22.83 ? 72  ALA A CA  1 
ATOM   569 C C   . ALA A 1 72  ? 3.863   -6.516  4.085   1.00 22.66 ? 72  ALA A C   1 
ATOM   570 O O   . ALA A 1 72  ? 2.638   -6.407  3.964   1.00 21.66 ? 72  ALA A O   1 
ATOM   571 C CB  . ALA A 1 72  ? 5.562   -4.779  3.520   1.00 23.51 ? 72  ALA A CB  1 
ATOM   572 N N   . GLU A 1 73  ? 4.535   -7.616  3.764   1.00 22.06 ? 73  GLU A N   1 
ATOM   573 C CA  . GLU A 1 73  ? 3.856   -8.788  3.231   1.00 24.50 ? 73  GLU A CA  1 
ATOM   574 C C   . GLU A 1 73  ? 2.739   -9.221  4.172   1.00 24.76 ? 73  GLU A C   1 
ATOM   575 O O   . GLU A 1 73  ? 1.673   -9.640  3.732   1.00 24.06 ? 73  GLU A O   1 
ATOM   576 C CB  . GLU A 1 73  ? 4.870   -9.927  3.053   1.00 26.47 ? 73  GLU A CB  1 
ATOM   577 C CG  . GLU A 1 73  ? 4.452   -10.974 2.034   1.00 30.68 ? 73  GLU A CG  1 
ATOM   578 C CD  . GLU A 1 73  ? 3.981   -10.348 0.731   1.00 32.30 ? 73  GLU A CD  1 
ATOM   579 O OE1 . GLU A 1 73  ? 4.697   -9.480  0.188   1.00 32.16 ? 73  GLU A OE1 1 
ATOM   580 O OE2 . GLU A 1 73  ? 2.888   -10.729 0.249   1.00 32.83 ? 73  GLU A OE2 1 
ATOM   581 N N   . LEU A 1 74  ? 2.995   -9.105  5.476   1.00 25.87 ? 74  LEU A N   1 
ATOM   582 C CA  . LEU A 1 74  ? 2.010   -9.488  6.485   1.00 26.80 ? 74  LEU A CA  1 
ATOM   583 C C   . LEU A 1 74  ? 0.871   -8.473  6.544   1.00 26.11 ? 74  LEU A C   1 
ATOM   584 O O   . LEU A 1 74  ? -0.287  -8.840  6.753   1.00 27.10 ? 74  LEU A O   1 
ATOM   585 C CB  . LEU A 1 74  ? 2.678   -9.594  7.858   1.00 26.64 ? 74  LEU A CB  1 
ATOM   586 C CG  . LEU A 1 74  ? 2.253   -10.781 8.723   1.00 28.52 ? 74  LEU A CG  1 
ATOM   587 C CD1 . LEU A 1 74  ? 2.825   -12.064 8.129   1.00 28.54 ? 74  LEU A CD1 1 
ATOM   588 C CD2 . LEU A 1 74  ? 2.754   -10.597 10.146  1.00 28.88 ? 74  LEU A CD2 1 
ATOM   589 N N   . ILE A 1 75  ? 1.207   -7.201  6.357   1.00 25.74 ? 75  ILE A N   1 
ATOM   590 C CA  . ILE A 1 75  ? 0.215   -6.129  6.398   1.00 26.68 ? 75  ILE A CA  1 
ATOM   591 C C   . ILE A 1 75  ? -0.814  -6.267  5.270   1.00 26.97 ? 75  ILE A C   1 
ATOM   592 O O   . ILE A 1 75  ? -1.966  -5.855  5.424   1.00 26.29 ? 75  ILE A O   1 
ATOM   593 C CB  . ILE A 1 75  ? 0.875   -4.734  6.289   1.00 24.36 ? 75  ILE A CB  1 
ATOM   594 C CG1 . ILE A 1 75  ? 1.786   -4.501  7.492   1.00 23.13 ? 75  ILE A CG1 1 
ATOM   595 C CG2 . ILE A 1 75  ? -0.192  -3.653  6.207   1.00 21.52 ? 75  ILE A CG2 1 
ATOM   596 C CD1 . ILE A 1 75  ? 2.330   -3.084  7.585   1.00 22.85 ? 75  ILE A CD1 1 
ATOM   597 N N   . LEU A 1 76  ? -0.390  -6.834  4.152   1.00 27.37 ? 76  LEU A N   1 
ATOM   598 C CA  . LEU A 1 76  ? -1.286  -7.026  3.019   1.00 29.00 ? 76  LEU A CA  1 
ATOM   599 C C   . LEU A 1 76  ? -2.139  -8.265  3.227   1.00 28.67 ? 76  LEU A C   1 
ATOM   600 O O   . LEU A 1 76  ? -3.306  -8.308  2.838   1.00 28.35 ? 76  LEU A O   1 
ATOM   601 C CB  . LEU A 1 76  ? -0.494  -7.159  1.714   1.00 29.16 ? 76  LEU A CB  1 
ATOM   602 C CG  . LEU A 1 76  ? 0.243   -5.914  1.216   1.00 29.95 ? 76  LEU A CG  1 
ATOM   603 C CD1 . LEU A 1 76  ? 0.745   -6.167  -0.198  1.00 30.28 ? 76  LEU A CD1 1 
ATOM   604 C CD2 . LEU A 1 76  ? -0.700  -4.714  1.230   1.00 29.67 ? 76  LEU A CD2 1 
ATOM   605 N N   . LYS A 1 77  ? -1.542  -9.275  3.850   1.00 28.91 ? 77  LYS A N   1 
ATOM   606 C CA  . LYS A 1 77  ? -2.245  -10.526 4.115   1.00 29.47 ? 77  LYS A CA  1 
ATOM   607 C C   . LYS A 1 77  ? -3.355  -10.336 5.142   1.00 28.55 ? 77  LYS A C   1 
ATOM   608 O O   . LYS A 1 77  ? -4.504  -10.691 4.894   1.00 29.78 ? 77  LYS A O   1 
ATOM   609 C CB  . LYS A 1 77  ? -1.262  -11.595 4.598   1.00 28.74 ? 77  LYS A CB  1 
ATOM   610 C CG  . LYS A 1 77  ? -0.279  -12.044 3.532   1.00 28.73 ? 77  LYS A CG  1 
ATOM   611 C CD  . LYS A 1 77  ? 0.595   -13.177 4.033   1.00 31.11 ? 77  LYS A CD  1 
ATOM   612 C CE  . LYS A 1 77  ? 1.854   -13.303 3.189   1.00 33.68 ? 77  LYS A CE  1 
ATOM   613 N NZ  . LYS A 1 77  ? 2.876   -14.173 3.847   1.00 35.23 ? 77  LYS A NZ  1 
ATOM   614 N N   . VAL A 1 78  ? -3.009  -9.776  6.288   1.00 28.53 ? 78  VAL A N   1 
ATOM   615 C CA  . VAL A 1 78  ? -3.985  -9.550  7.350   1.00 28.46 ? 78  VAL A CA  1 
ATOM   616 C C   . VAL A 1 78  ? -5.121  -8.652  6.871   1.00 28.71 ? 78  VAL A C   1 
ATOM   617 O O   . VAL A 1 78  ? -6.266  -8.805  7.306   1.00 29.41 ? 78  VAL A O   1 
ATOM   618 C CB  . VAL A 1 78  ? -3.326  -8.916  8.596   1.00 27.00 ? 78  VAL A CB  1 
ATOM   619 C CG1 . VAL A 1 78  ? -2.177  -9.788  9.073   1.00 25.59 ? 78  VAL A CG1 1 
ATOM   620 C CG2 . VAL A 1 78  ? -2.831  -7.519  8.274   1.00 28.80 ? 78  VAL A CG2 1 
ATOM   621 N N   . SER A 1 79  ? -4.812  -7.722  5.977   1.00 29.27 ? 79  SER A N   1 
ATOM   622 C CA  . SER A 1 79  ? -5.819  -6.808  5.446   1.00 30.40 ? 79  SER A CA  1 
ATOM   623 C C   . SER A 1 79  ? -6.797  -7.527  4.523   1.00 30.31 ? 79  SER A C   1 
ATOM   624 O O   . SER A 1 79  ? -7.975  -7.173  4.457   1.00 31.34 ? 79  SER A O   1 
ATOM   625 C CB  . SER A 1 79  ? -5.152  -5.662  4.674   1.00 31.04 ? 79  SER A CB  1 
ATOM   626 O OG  . SER A 1 79  ? -4.499  -4.770  5.551   1.00 33.80 ? 79  SER A OG  1 
ATOM   627 N N   . SER A 1 80  ? -6.308  -8.529  3.813   1.00 30.26 ? 80  SER A N   1 
ATOM   628 C CA  . SER A 1 80  ? -7.138  -9.303  2.895   1.00 31.95 ? 80  SER A CA  1 
ATOM   629 C C   . SER A 1 80  ? -7.973  -10.355 3.612   1.00 32.56 ? 80  SER A C   1 
ATOM   630 O O   . SER A 1 80  ? -8.613  -11.189 2.970   1.00 33.36 ? 80  SER A O   1 
ATOM   631 C CB  . SER A 1 80  ? -6.263  -9.973  1.833   1.00 32.23 ? 80  SER A CB  1 
ATOM   632 O OG  . SER A 1 80  ? -5.119  -10.574 2.414   1.00 34.08 ? 80  SER A OG  1 
ATOM   633 N N   . LEU A 1 81  ? -7.968  -10.314 4.939   1.00 33.00 ? 81  LEU A N   1 
ATOM   634 C CA  . LEU A 1 81  ? -8.728  -11.272 5.730   1.00 33.41 ? 81  LEU A CA  1 
ATOM   635 C C   . LEU A 1 81  ? -10.154 -10.795 5.986   1.00 34.66 ? 81  LEU A C   1 
ATOM   636 O O   . LEU A 1 81  ? -10.398 -9.604  6.178   1.00 35.63 ? 81  LEU A O   1 
ATOM   637 C CB  . LEU A 1 81  ? -8.039  -11.539 7.071   1.00 33.53 ? 81  LEU A CB  1 
ATOM   638 C CG  . LEU A 1 81  ? -6.770  -12.402 7.077   1.00 32.25 ? 81  LEU A CG  1 
ATOM   639 C CD1 . LEU A 1 81  ? -6.322  -12.612 8.519   1.00 32.02 ? 81  LEU A CD1 1 
ATOM   640 C CD2 . LEU A 1 81  ? -7.048  -13.737 6.412   1.00 32.23 ? 81  LEU A CD2 1 
ATOM   641 N N   . THR A 1 82  ? -11.087 -11.736 5.986   1.00 35.44 ? 82  THR A N   1 
ATOM   642 C CA  . THR A 1 82  ? -12.490 -11.431 6.223   1.00 36.08 ? 82  THR A CA  1 
ATOM   643 C C   . THR A 1 82  ? -12.698 -11.178 7.713   1.00 35.76 ? 82  THR A C   1 
ATOM   644 O O   . THR A 1 82  ? -11.965 -11.705 8.547   1.00 35.81 ? 82  THR A O   1 
ATOM   645 C CB  . THR A 1 82  ? -13.397 -12.605 5.781   1.00 37.46 ? 82  THR A CB  1 
ATOM   646 O OG1 . THR A 1 82  ? -14.768 -12.270 6.022   1.00 39.37 ? 82  THR A OG1 1 
ATOM   647 C CG2 . THR A 1 82  ? -13.044 -13.870 6.554   1.00 36.49 ? 82  THR A CG2 1 
ATOM   648 N N   . PRO A 1 83  ? -13.699 -10.353 8.061   1.00 36.00 ? 83  PRO A N   1 
ATOM   649 C CA  . PRO A 1 83  ? -13.986 -10.037 9.462   1.00 35.90 ? 83  PRO A CA  1 
ATOM   650 C C   . PRO A 1 83  ? -13.942 -11.257 10.371  1.00 35.29 ? 83  PRO A C   1 
ATOM   651 O O   . PRO A 1 83  ? -13.430 -11.193 11.484  1.00 35.29 ? 83  PRO A O   1 
ATOM   652 C CB  . PRO A 1 83  ? -15.380 -9.421  9.382   1.00 36.95 ? 83  PRO A CB  1 
ATOM   653 C CG  . PRO A 1 83  ? -15.313 -8.670  8.091   1.00 36.21 ? 83  PRO A CG  1 
ATOM   654 C CD  . PRO A 1 83  ? -14.644 -9.660  7.163   1.00 35.30 ? 83  PRO A CD  1 
ATOM   655 N N   . GLU A 1 84  ? -14.471 -12.375 9.888   1.00 36.07 ? 84  GLU A N   1 
ATOM   656 C CA  . GLU A 1 84  ? -14.487 -13.597 10.679  1.00 36.66 ? 84  GLU A CA  1 
ATOM   657 C C   . GLU A 1 84  ? -13.084 -14.141 10.911  1.00 36.35 ? 84  GLU A C   1 
ATOM   658 O O   . GLU A 1 84  ? -12.752 -14.576 12.016  1.00 34.82 ? 84  GLU A O   1 
ATOM   659 C CB  . GLU A 1 84  ? -15.351 -14.667 9.999   1.00 38.57 ? 84  GLU A CB  1 
ATOM   660 C CG  . GLU A 1 84  ? -15.720 -15.809 10.933  1.00 41.46 ? 84  GLU A CG  1 
ATOM   661 C CD  . GLU A 1 84  ? -16.547 -15.339 12.117  1.00 42.76 ? 84  GLU A CD  1 
ATOM   662 O OE1 . GLU A 1 84  ? -16.416 -15.938 13.207  1.00 44.06 ? 84  GLU A OE1 1 
ATOM   663 O OE2 . GLU A 1 84  ? -17.335 -14.378 11.959  1.00 43.31 ? 84  GLU A OE2 1 
ATOM   664 N N   . PHE A 1 85  ? -12.245 -14.116 9.867   1.00 36.13 ? 85  PHE A N   1 
ATOM   665 C CA  . PHE A 1 85  ? -10.876 -14.604 9.993   1.00 35.36 ? 85  PHE A CA  1 
ATOM   666 C C   . PHE A 1 85  ? -9.999  -13.629 10.762  1.00 35.15 ? 85  PHE A C   1 
ATOM   667 O O   . PHE A 1 85  ? -9.060  -14.030 11.450  1.00 34.11 ? 85  PHE A O   1 
ATOM   668 C CB  . PHE A 1 85  ? -10.253 -14.856 8.622   1.00 35.88 ? 85  PHE A CB  1 
ATOM   669 C CG  . PHE A 1 85  ? -10.661 -16.160 7.996   1.00 36.34 ? 85  PHE A CG  1 
ATOM   670 C CD1 . PHE A 1 85  ? -11.069 -17.233 8.782   1.00 36.53 ? 85  PHE A CD1 1 
ATOM   671 C CD2 . PHE A 1 85  ? -10.580 -16.331 6.615   1.00 37.10 ? 85  PHE A CD2 1 
ATOM   672 C CE1 . PHE A 1 85  ? -11.412 -18.449 8.204   1.00 37.80 ? 85  PHE A CE1 1 
ATOM   673 C CE2 . PHE A 1 85  ? -10.920 -17.546 6.027   1.00 37.67 ? 85  PHE A CE2 1 
ATOM   674 C CZ  . PHE A 1 85  ? -11.327 -18.611 6.821   1.00 38.53 ? 85  PHE A CZ  1 
ATOM   675 N N   . LYS A 1 86  ? -10.314 -12.342 10.641  1.00 34.59 ? 86  LYS A N   1 
ATOM   676 C CA  . LYS A 1 86  ? -9.547  -11.305 11.315  1.00 35.07 ? 86  LYS A CA  1 
ATOM   677 C C   . LYS A 1 86  ? -9.637  -11.482 12.830  1.00 35.23 ? 86  LYS A C   1 
ATOM   678 O O   . LYS A 1 86  ? -8.708  -11.145 13.564  1.00 35.39 ? 86  LYS A O   1 
ATOM   679 C CB  . LYS A 1 86  ? -10.070 -9.924  10.896  1.00 35.96 ? 86  LYS A CB  1 
ATOM   680 C CG  . LYS A 1 86  ? -9.025  -8.824  10.910  1.00 36.79 ? 86  LYS A CG  1 
ATOM   681 C CD  . LYS A 1 86  ? -9.500  -7.586  10.153  1.00 37.94 ? 86  LYS A CD  1 
ATOM   682 C CE  . LYS A 1 86  ? -9.145  -7.662  8.671   1.00 38.19 ? 86  LYS A CE  1 
ATOM   683 N NZ  . LYS A 1 86  ? -9.486  -6.408  7.933   1.00 37.53 ? 86  LYS A NZ  1 
ATOM   684 N N   . LYS A 1 87  ? -10.760 -12.026 13.289  1.00 35.64 ? 87  LYS A N   1 
ATOM   685 C CA  . LYS A 1 87  ? -10.977 -12.265 14.711  1.00 35.33 ? 87  LYS A CA  1 
ATOM   686 C C   . LYS A 1 87  ? -10.103 -13.423 15.166  1.00 34.71 ? 87  LYS A C   1 
ATOM   687 O O   . LYS A 1 87  ? -9.487  -13.370 16.234  1.00 34.61 ? 87  LYS A O   1 
ATOM   688 C CB  . LYS A 1 87  ? -12.451 -12.604 14.969  1.00 36.50 ? 87  LYS A CB  1 
ATOM   689 C CG  . LYS A 1 87  ? -13.426 -11.560 14.452  1.00 39.33 ? 87  LYS A CG  1 
ATOM   690 C CD  . LYS A 1 87  ? -14.860 -12.047 14.562  1.00 40.93 ? 87  LYS A CD  1 
ATOM   691 C CE  . LYS A 1 87  ? -15.822 -11.058 13.923  1.00 41.92 ? 87  LYS A CE  1 
ATOM   692 N NZ  . LYS A 1 87  ? -17.014 -11.748 13.349  1.00 41.97 ? 87  LYS A NZ  1 
ATOM   693 N N   . GLU A 1 88  ? -10.058 -14.473 14.352  1.00 34.20 ? 88  GLU A N   1 
ATOM   694 C CA  . GLU A 1 88  ? -9.251  -15.656 14.654  1.00 33.03 ? 88  GLU A CA  1 
ATOM   695 C C   . GLU A 1 88  ? -7.778  -15.286 14.747  1.00 31.22 ? 88  GLU A C   1 
ATOM   696 O O   . GLU A 1 88  ? -7.040  -15.828 15.569  1.00 28.97 ? 88  GLU A O   1 
ATOM   697 C CB  . GLU A 1 88  ? -9.450  -16.712 13.568  1.00 36.17 ? 88  GLU A CB  1 
ATOM   698 C CG  . GLU A 1 88  ? -10.352 -17.871 13.960  1.00 41.09 ? 88  GLU A CG  1 
ATOM   699 C CD  . GLU A 1 88  ? -9.562  -19.087 14.408  1.00 44.65 ? 88  GLU A CD  1 
ATOM   700 O OE1 . GLU A 1 88  ? -8.585  -19.448 13.713  1.00 45.86 ? 88  GLU A OE1 1 
ATOM   701 O OE2 . GLU A 1 88  ? -9.932  -19.702 15.433  1.00 46.82 ? 88  GLU A OE2 1 
ATOM   702 N N   . LEU A 1 89  ? -7.351  -14.356 13.892  1.00 29.79 ? 89  LEU A N   1 
ATOM   703 C CA  . LEU A 1 89  ? -5.970  -13.911 13.871  1.00 28.83 ? 89  LEU A CA  1 
ATOM   704 C C   . LEU A 1 89  ? -5.592  -13.285 15.215  1.00 29.31 ? 89  LEU A C   1 
ATOM   705 O O   . LEU A 1 89  ? -4.687  -13.768 15.900  1.00 27.73 ? 89  LEU A O   1 
ATOM   706 C CB  . LEU A 1 89  ? -5.761  -12.896 12.751  1.00 27.03 ? 89  LEU A CB  1 
ATOM   707 C CG  . LEU A 1 89  ? -4.318  -12.434 12.506  1.00 26.69 ? 89  LEU A CG  1 
ATOM   708 C CD1 . LEU A 1 89  ? -3.521  -13.553 11.858  1.00 25.89 ? 89  LEU A CD1 1 
ATOM   709 C CD2 . LEU A 1 89  ? -4.327  -11.202 11.612  1.00 24.59 ? 89  LEU A CD2 1 
ATOM   710 N N   . THR A 1 90  ? -6.287  -12.211 15.585  1.00 30.28 ? 90  THR A N   1 
ATOM   711 C CA  . THR A 1 90  ? -6.023  -11.527 16.846  1.00 32.57 ? 90  THR A CA  1 
ATOM   712 C C   . THR A 1 90  ? -6.013  -12.498 18.016  1.00 32.80 ? 90  THR A C   1 
ATOM   713 O O   . THR A 1 90  ? -5.153  -12.413 18.898  1.00 33.08 ? 90  THR A O   1 
ATOM   714 C CB  . THR A 1 90  ? -7.067  -10.424 17.121  1.00 33.63 ? 90  THR A CB  1 
ATOM   715 O OG1 . THR A 1 90  ? -8.380  -10.932 16.845  1.00 36.51 ? 90  THR A OG1 1 
ATOM   716 C CG2 . THR A 1 90  ? -6.802  -9.204  16.260  1.00 34.07 ? 90  THR A CG2 1 
ATOM   717 N N   . ARG A 1 91  ? -6.962  -13.424 18.020  1.00 33.59 ? 91  ARG A N   1 
ATOM   718 C CA  . ARG A 1 91  ? -7.055  -14.414 19.091  1.00 33.85 ? 91  ARG A CA  1 
ATOM   719 C C   . ARG A 1 91  ? -5.768  -15.231 19.182  1.00 31.22 ? 91  ARG A C   1 
ATOM   720 O O   . ARG A 1 91  ? -5.273  -15.502 20.274  1.00 31.12 ? 91  ARG A O   1 
ATOM   721 C CB  . ARG A 1 91  ? -8.235  -15.362 18.842  1.00 37.39 ? 91  ARG A CB  1 
ATOM   722 C CG  . ARG A 1 91  ? -8.426  -16.386 19.951  1.00 41.55 ? 91  ARG A CG  1 
ATOM   723 C CD  . ARG A 1 91  ? -8.733  -17.762 19.389  1.00 46.09 ? 91  ARG A CD  1 
ATOM   724 N NE  . ARG A 1 91  ? -10.158 -18.006 19.251  1.00 50.07 ? 91  ARG A NE  1 
ATOM   725 C CZ  . ARG A 1 91  ? -10.681 -19.031 18.576  1.00 52.70 ? 91  ARG A CZ  1 
ATOM   726 N NH1 . ARG A 1 91  ? -9.889  -19.901 17.968  1.00 54.14 ? 91  ARG A NH1 1 
ATOM   727 N NH2 . ARG A 1 91  ? -12.000 -19.195 18.529  1.00 52.95 ? 91  ARG A NH2 1 
ATOM   728 N N   . PHE A 1 92  ? -5.235  -15.616 18.027  1.00 28.96 ? 92  PHE A N   1 
ATOM   729 C CA  . PHE A 1 92  ? -4.011  -16.404 17.980  1.00 27.97 ? 92  PHE A CA  1 
ATOM   730 C C   . PHE A 1 92  ? -2.808  -15.571 18.401  1.00 27.21 ? 92  PHE A C   1 
ATOM   731 O O   . PHE A 1 92  ? -1.970  -16.027 19.182  1.00 27.80 ? 92  PHE A O   1 
ATOM   732 C CB  . PHE A 1 92  ? -3.791  -16.944 16.563  1.00 28.26 ? 92  PHE A CB  1 
ATOM   733 C CG  . PHE A 1 92  ? -2.622  -17.877 16.447  1.00 28.68 ? 92  PHE A CG  1 
ATOM   734 C CD1 . PHE A 1 92  ? -2.601  -19.079 17.148  1.00 29.31 ? 92  PHE A CD1 1 
ATOM   735 C CD2 . PHE A 1 92  ? -1.540  -17.552 15.636  1.00 28.61 ? 92  PHE A CD2 1 
ATOM   736 C CE1 . PHE A 1 92  ? -1.514  -19.952 17.036  1.00 30.18 ? 92  PHE A CE1 1 
ATOM   737 C CE2 . PHE A 1 92  ? -0.450  -18.415 15.520  1.00 29.62 ? 92  PHE A CE2 1 
ATOM   738 C CZ  . PHE A 1 92  ? -0.438  -19.619 16.222  1.00 29.17 ? 92  PHE A CZ  1 
ATOM   739 N N   . ILE A 1 93  ? -2.722  -14.349 17.880  1.00 25.09 ? 93  ILE A N   1 
ATOM   740 C CA  . ILE A 1 93  ? -1.610  -13.459 18.206  1.00 23.97 ? 93  ILE A CA  1 
ATOM   741 C C   . ILE A 1 93  ? -1.567  -13.172 19.706  1.00 24.20 ? 93  ILE A C   1 
ATOM   742 O O   . ILE A 1 93  ? -0.506  -13.245 20.329  1.00 20.88 ? 93  ILE A O   1 
ATOM   743 C CB  . ILE A 1 93  ? -1.721  -12.126 17.445  1.00 22.98 ? 93  ILE A CB  1 
ATOM   744 C CG1 . ILE A 1 93  ? -1.771  -12.395 15.938  1.00 23.20 ? 93  ILE A CG1 1 
ATOM   745 C CG2 . ILE A 1 93  ? -0.525  -11.236 17.772  1.00 23.47 ? 93  ILE A CG2 1 
ATOM   746 C CD1 . ILE A 1 93  ? -2.038  -11.165 15.096  1.00 22.97 ? 93  ILE A CD1 1 
ATOM   747 N N   . GLU A 1 94  ? -2.726  -12.848 20.285  1.00 25.86 ? 94  GLU A N   1 
ATOM   748 C CA  . GLU A 1 94  ? -2.806  -12.574 21.708  1.00 27.66 ? 94  GLU A CA  1 
ATOM   749 C C   . GLU A 1 94  ? -2.285  -13.751 22.516  1.00 27.96 ? 94  GLU A C   1 
ATOM   750 O O   . GLU A 1 94  ? -1.550  -13.577 23.490  1.00 29.10 ? 94  GLU A O   1 
ATOM   751 C CB  . GLU A 1 94  ? -4.249  -12.273 22.128  1.00 30.25 ? 94  GLU A CB  1 
ATOM   752 C CG  . GLU A 1 94  ? -4.664  -10.818 21.974  1.00 33.77 ? 94  GLU A CG  1 
ATOM   753 C CD  . GLU A 1 94  ? -3.648  -9.855  22.559  1.00 36.16 ? 94  GLU A CD  1 
ATOM   754 O OE1 . GLU A 1 94  ? -3.269  -10.023 23.736  1.00 38.52 ? 94  GLU A OE1 1 
ATOM   755 O OE2 . GLU A 1 94  ? -3.217  -8.930  21.832  1.00 37.38 ? 94  GLU A OE2 1 
ATOM   756 N N   . GLN A 1 95  ? -2.662  -14.957 22.102  1.00 27.78 ? 95  GLN A N   1 
ATOM   757 C CA  . GLN A 1 95  ? -2.230  -16.170 22.790  1.00 28.44 ? 95  GLN A CA  1 
ATOM   758 C C   . GLN A 1 95  ? -0.713  -16.272 22.777  1.00 28.59 ? 95  GLN A C   1 
ATOM   759 O O   . GLN A 1 95  ? -0.099  -16.656 23.774  1.00 28.92 ? 95  GLN A O   1 
ATOM   760 C CB  . GLN A 1 95  ? -2.835  -17.401 22.114  1.00 27.45 ? 95  GLN A CB  1 
ATOM   761 C CG  . GLN A 1 95  ? -2.759  -18.662 22.960  1.00 30.04 ? 95  GLN A CG  1 
ATOM   762 C CD  . GLN A 1 95  ? -3.376  -19.869 22.267  1.00 29.42 ? 95  GLN A CD  1 
ATOM   763 O OE1 . GLN A 1 95  ? -4.552  -19.858 21.909  1.00 31.31 ? 95  GLN A OE1 1 
ATOM   764 N NE2 . GLN A 1 95  ? -2.579  -20.910 22.075  1.00 27.81 ? 95  GLN A NE2 1 
ATOM   765 N N   . LEU A 1 96  ? -0.110  -15.931 21.640  1.00 29.44 ? 96  LEU A N   1 
ATOM   766 C CA  . LEU A 1 96  ? 1.347   -15.989 21.504  1.00 30.58 ? 96  LEU A CA  1 
ATOM   767 C C   . LEU A 1 96  ? 2.012   -14.916 22.353  1.00 30.75 ? 96  LEU A C   1 
ATOM   768 O O   . LEU A 1 96  ? 2.947   -15.200 23.095  1.00 30.64 ? 96  LEU A O   1 
ATOM   769 C CB  . LEU A 1 96  ? 1.742   -15.821 20.038  1.00 32.54 ? 96  LEU A CB  1 
ATOM   770 C CG  . LEU A 1 96  ? 1.199   -16.881 19.065  1.00 34.45 ? 96  LEU A CG  1 
ATOM   771 C CD1 . LEU A 1 96  ? 1.709   -16.578 17.665  1.00 34.13 ? 96  LEU A CD1 1 
ATOM   772 C CD2 . LEU A 1 96  ? 1.637   -18.274 19.501  1.00 34.03 ? 96  LEU A CD2 1 
ATOM   773 N N   . LEU A 1 97  ? 1.527   -13.673 22.240  1.00 31.79 ? 97  LEU A N   1 
ATOM   774 C CA  . LEU A 1 97  ? 2.088   -12.579 23.024  1.00 33.73 ? 97  LEU A CA  1 
ATOM   775 C C   . LEU A 1 97  ? 1.998   -12.923 24.504  1.00 35.56 ? 97  LEU A C   1 
ATOM   776 O O   . LEU A 1 97  ? 2.754   -12.403 25.320  1.00 36.16 ? 97  LEU A O   1 
ATOM   777 C CB  . LEU A 1 97  ? 1.307   -11.280 22.780  1.00 32.46 ? 97  LEU A CB  1 
ATOM   778 C CG  . LEU A 1 97  ? 1.423   -10.576 21.424  1.00 32.75 ? 97  LEU A CG  1 
ATOM   779 C CD1 . LEU A 1 97  ? 0.500   -9.377  21.418  1.00 30.58 ? 97  LEU A CD1 1 
ATOM   780 C CD2 . LEU A 1 97  ? 2.863   -10.142 21.165  1.00 31.85 ? 97  LEU A CD2 1 
ATOM   781 N N   . ALA A 1 98  ? 1.054   -13.809 24.840  1.00 37.02 ? 98  ALA A N   1 
ATOM   782 C CA  . ALA A 1 98  ? 0.849   -14.232 26.222  1.00 38.19 ? 98  ALA A CA  1 
ATOM   783 C C   . ALA A 1 98  ? 1.839   -15.326 26.636  1.00 38.93 ? 98  ALA A C   1 
ATOM   784 O O   . ALA A 1 98  ? 2.166   -15.438 27.817  1.00 38.87 ? 98  ALA A O   1 
ATOM   785 C CB  . ALA A 1 98  ? -0.578  -14.701 26.418  1.00 38.37 ? 98  ALA A CB  1 
ATOM   786 N N   . ALA A 1 99  ? 2.278   -16.143 25.679  1.00 39.81 ? 99  ALA A N   1 
ATOM   787 C CA  . ALA A 1 99  ? 3.275   -17.173 25.974  1.00 42.96 ? 99  ALA A CA  1 
ATOM   788 C C   . ALA A 1 99  ? 4.423   -16.226 26.226  1.00 44.88 ? 99  ALA A C   1 
ATOM   789 O O   . ALA A 1 99  ? 5.293   -16.422 27.093  1.00 45.64 ? 99  ALA A O   1 
ATOM   790 C CB  . ALA A 1 99  ? 3.564   -17.997 24.722  1.00 41.90 ? 99  ALA A CB  1 
ATOM   791 N N   . GLN A 1 100 ? 4.322   -15.182 25.416  1.00 47.40 ? 100 GLN A N   1 
ATOM   792 C CA  . GLN A 1 100 ? 5.178   -14.009 25.361  1.00 48.77 ? 100 GLN A CA  1 
ATOM   793 C C   . GLN A 1 100 ? 6.554   -14.164 24.755  1.00 49.41 ? 100 GLN A C   1 
ATOM   794 O O   . GLN A 1 100 ? 7.412   -14.871 25.275  1.00 50.51 ? 100 GLN A O   1 
ATOM   795 C CB  . GLN A 1 100 ? 5.280   -13.417 26.766  1.00 49.77 ? 100 GLN A CB  1 
ATOM   796 C CG  . GLN A 1 100 ? 5.730   -11.988 26.781  1.00 51.99 ? 100 GLN A CG  1 
ATOM   797 C CD  . GLN A 1 100 ? 5.581   -11.391 28.154  1.00 52.49 ? 100 GLN A CD  1 
ATOM   798 O OE1 . GLN A 1 100 ? 5.970   -10.251 28.394  1.00 53.37 ? 100 GLN A OE1 1 
ATOM   799 N NE2 . GLN A 1 100 ? 5.006   -12.164 29.072  1.00 52.51 ? 100 GLN A NE2 1 
ATOM   800 N N   . GLY A 1 101 ? 6.745   -13.486 23.618  1.00 48.81 ? 101 GLY A N   1 
ATOM   801 C CA  . GLY A 1 101 ? 8.019   -13.548 22.923  1.00 47.74 ? 101 GLY A CA  1 
ATOM   802 C C   . GLY A 1 101 ? 7.888   -13.096 21.483  1.00 47.06 ? 101 GLY A C   1 
ATOM   803 O O   . GLY A 1 101 ? 6.781   -12.809 21.008  1.00 46.07 ? 101 GLY A O   1 
HETATM 804 O O   . HOH B 2 .   ? -6.765  1.827   1.893   1.00 20.67 ? 201 HOH A O   1 
HETATM 805 O O   . HOH B 2 .   ? -1.415  16.517  3.180   1.00 40.21 ? 202 HOH A O   1 
HETATM 806 O O   . HOH B 2 .   ? 2.746   -13.550 -0.242  1.00 25.70 ? 203 HOH A O   1 
HETATM 807 O O   . HOH B 2 .   ? -8.995  -20.770 20.061  1.00 50.02 ? 204 HOH A O   1 
HETATM 808 O O   . HOH B 2 .   ? -7.148  12.944  0.560   1.00 20.58 ? 205 HOH A O   1 
HETATM 809 O O   . HOH B 2 .   ? -0.523  -10.186 25.839  1.00 40.62 ? 206 HOH A O   1 
HETATM 810 O O   . HOH B 2 .   ? 1.460   18.967  -14.598 1.00 48.01 ? 207 HOH A O   1 
HETATM 811 O O   . HOH B 2 .   ? -7.094  16.294  -14.340 1.00 39.55 ? 208 HOH A O   1 
HETATM 812 O O   . HOH B 2 .   ? 12.110  -8.620  6.077   1.00 41.78 ? 209 HOH A O   1 
HETATM 813 O O   . HOH B 2 .   ? 10.117  3.977   -11.247 1.00 50.84 ? 210 HOH A O   1 
HETATM 814 O O   . HOH B 2 .   ? 11.668  17.785  -9.527  1.00 31.80 ? 211 HOH A O   1 
HETATM 815 O O   . HOH B 2 .   ? 0.602   -7.567  25.044  1.00 27.82 ? 212 HOH A O   1 
HETATM 816 O O   . HOH B 2 .   ? 1.633   15.067  -2.987  1.00 28.63 ? 213 HOH A O   1 
HETATM 817 O O   . HOH B 2 .   ? -2.815  5.373   -22.977 1.00 70.37 ? 214 HOH A O   1 
HETATM 818 O O   . HOH B 2 .   ? -7.222  -1.128  -6.751  1.00 41.65 ? 215 HOH A O   1 
HETATM 819 O O   . HOH B 2 .   ? -4.509  15.701  -5.409  1.00 49.15 ? 216 HOH A O   1 
HETATM 820 O O   . HOH B 2 .   ? 13.113  -1.686  2.104   1.00 38.63 ? 217 HOH A O   1 
HETATM 821 O O   . HOH B 2 .   ? 2.800   -10.289 27.305  1.00 47.07 ? 218 HOH A O   1 
HETATM 822 O O   . HOH B 2 .   ? 0.366   -10.726 -0.467  1.00 56.20 ? 219 HOH A O   1 
HETATM 823 O O   . HOH B 2 .   ? -10.191 -8.716  15.296  1.00 63.40 ? 220 HOH A O   1 
HETATM 824 O O   . HOH B 2 .   ? -12.612 -8.686  13.165  1.00 68.26 ? 221 HOH A O   1 
HETATM 825 O O   . HOH B 2 .   ? 15.530  -2.147  1.314   1.00 51.52 ? 222 HOH A O   1 
HETATM 826 O O   . HOH B 2 .   ? 4.944   13.668  -8.607  1.00 38.61 ? 223 HOH A O   1 
HETATM 827 O O   . HOH B 2 .   ? 14.725  13.470  -4.046  1.00 53.94 ? 224 HOH A O   1 
HETATM 828 O O   . HOH B 2 .   ? 14.053  5.023   -6.733  1.00 54.11 ? 225 HOH A O   1 
HETATM 829 O O   . HOH B 2 .   ? -12.795 -7.016  10.251  1.00 65.30 ? 226 HOH A O   1 
HETATM 830 O O   . HOH B 2 .   ? 15.727  4.698   -8.409  1.00 57.77 ? 227 HOH A O   1 
HETATM 831 O O   . HOH B 2 .   ? -2.040  2.650   -24.416 1.00 65.70 ? 228 HOH A O   1 
HETATM 832 O O   . HOH B 2 .   ? -7.829  -2.472  -9.111  1.00 50.15 ? 229 HOH A O   1 
HETATM 833 O O   . HOH B 2 .   ? 15.390  5.041   -4.810  1.00 37.89 ? 230 HOH A O   1 
HETATM 834 O O   . HOH B 2 .   ? -12.334 -15.930 20.388  1.00 45.10 ? 231 HOH A O   1 
HETATM 835 O O   . HOH B 2 .   ? -9.275  -4.633  -7.979  1.00 26.97 ? 232 HOH A O   1 
HETATM 836 O O   . HOH B 2 .   ? 4.093   11.315  -18.727 1.00 15.21 ? 233 HOH A O   1 
HETATM 837 O O   . HOH B 2 .   ? 7.192   -0.828  8.866   1.00 15.94 ? 234 HOH A O   1 
HETATM 838 O O   . HOH B 2 .   ? -2.008  -6.621  24.181  1.00 34.23 ? 235 HOH A O   1 
HETATM 839 O O   . HOH B 2 .   ? 10.583  9.564   -13.150 1.00 16.62 ? 236 HOH A O   1 
HETATM 840 O O   . HOH B 2 .   ? 7.560   11.849  2.482   1.00 13.93 ? 237 HOH A O   1 
HETATM 841 O O   . HOH B 2 .   ? -2.477  3.182   -19.892 1.00 26.10 ? 238 HOH A O   1 
HETATM 842 O O   . HOH B 2 .   ? 10.887  14.064  -3.635  1.00 53.27 ? 239 HOH A O   1 
HETATM 843 O O   . HOH B 2 .   ? 13.502  15.032  -9.629  1.00 13.96 ? 240 HOH A O   1 
HETATM 844 O O   . HOH B 2 .   ? 0.696   9.703   -18.615 1.00 17.48 ? 241 HOH A O   1 
HETATM 845 O O   . HOH B 2 .   ? 5.925   10.572  0.851   1.00 15.16 ? 242 HOH A O   1 
HETATM 846 O O   . HOH B 2 .   ? 11.537  -1.699  0.099   1.00 39.08 ? 243 HOH A O   1 
HETATM 847 O O   . HOH B 2 .   ? 6.261   -7.300  0.099   1.00 33.15 ? 244 HOH A O   1 
HETATM 848 O O   . HOH B 2 .   ? -2.928  -3.015  -5.010  1.00 9.31  ? 245 HOH A O   1 
HETATM 849 O O   . HOH B 2 .   ? -0.698  15.643  -13.796 1.00 38.78 ? 246 HOH A O   1 
HETATM 850 O O   . HOH B 2 .   ? -7.591  -4.196  10.233  1.00 40.17 ? 247 HOH A O   1 
HETATM 851 O O   . HOH B 2 .   ? 12.303  11.718  -1.732  1.00 61.25 ? 248 HOH A O   1 
HETATM 852 O O   . HOH B 2 .   ? 12.185  2.319   -2.988  1.00 34.98 ? 249 HOH A O   1 
HETATM 853 O O   . HOH B 2 .   ? 7.585   8.386   -3.060  1.00 12.32 ? 250 HOH A O   1 
# 
loop_
_pdbx_poly_seq_scheme.asym_id 
_pdbx_poly_seq_scheme.entity_id 
_pdbx_poly_seq_scheme.seq_id 
_pdbx_poly_seq_scheme.mon_id 
_pdbx_poly_seq_scheme.ndb_seq_num 
_pdbx_poly_seq_scheme.pdb_seq_num 
_pdbx_poly_seq_scheme.auth_seq_num 
_pdbx_poly_seq_scheme.pdb_mon_id 
_pdbx_poly_seq_scheme.auth_mon_id 
_pdbx_poly_seq_scheme.pdb_strand_id 
_pdbx_poly_seq_scheme.pdb_ins_code 
_pdbx_poly_seq_scheme.hetero 
A 1 1   MET 1   1   1   MET MET A . n 
A 1 2   LEU 2   2   2   LEU LEU A . n 
A 1 3   GLY 3   3   3   GLY GLY A . n 
A 1 4   THR 4   4   4   THR THR A . n 
A 1 5   ARG 5   5   5   ARG ARG A . n 
A 1 6   LEU 6   6   6   LEU LEU A . n 
A 1 7   LYS 7   7   7   LYS LYS A . n 
A 1 8   ALA 8   8   8   ALA ALA A . n 
A 1 9   ALA 9   9   9   ALA ALA A . n 
A 1 10  ARG 10  10  10  ARG ARG A . n 
A 1 11  ILE 11  11  11  ILE ILE A . n 
A 1 12  ARG 12  12  12  ARG ARG A . n 
A 1 13  ALA 13  13  13  ALA ALA A . n 
A 1 14  GLY 14  14  14  GLY GLY A . n 
A 1 15  TYR 15  15  15  TYR TYR A . n 
A 1 16  SER 16  16  16  SER SER A . n 
A 1 17  GLN 17  17  17  GLN GLN A . n 
A 1 18  LYS 18  18  18  LYS LYS A . n 
A 1 19  GLN 19  19  19  GLN GLN A . n 
A 1 20  LEU 20  20  20  LEU LEU A . n 
A 1 21  GLY 21  21  21  GLY GLY A . n 
A 1 22  MET 22  22  22  MET MET A . n 
A 1 23  LEU 23  23  23  LEU LEU A . n 
A 1 24  VAL 24  24  24  VAL VAL A . n 
A 1 25  GLY 25  25  25  GLY GLY A . n 
A 1 26  MET 26  26  26  MET MET A . n 
A 1 27  ASP 27  27  27  ASP ASP A . n 
A 1 28  GLU 28  28  28  GLU GLU A . n 
A 1 29  PHE 29  29  29  PHE PHE A . n 
A 1 30  SER 30  30  30  SER SER A . n 
A 1 31  ALA 31  31  31  ALA ALA A . n 
A 1 32  SER 32  32  32  SER SER A . n 
A 1 33  ALA 33  33  33  ALA ALA A . n 
A 1 34  ARG 34  34  34  ARG ARG A . n 
A 1 35  MET 35  35  35  MET MET A . n 
A 1 36  ASN 36  36  36  ASN ASN A . n 
A 1 37  GLN 37  37  37  GLN GLN A . n 
A 1 38  TYR 38  38  38  TYR TYR A . n 
A 1 39  GLU 39  39  39  GLU GLU A . n 
A 1 40  ARG 40  40  40  ARG ARG A . n 
A 1 41  GLU 41  41  41  GLU GLU A . n 
A 1 42  ARG 42  42  42  ARG ARG A . n 
A 1 43  HIS 43  43  43  HIS HIS A . n 
A 1 44  SER 44  44  44  SER SER A . n 
A 1 45  PRO 45  45  45  PRO PRO A . n 
A 1 46  ASN 46  46  46  ASN ASN A . n 
A 1 47  MET 47  47  47  MET MET A . n 
A 1 48  ARG 48  48  48  ARG ARG A . n 
A 1 49  THR 49  49  49  THR THR A . n 
A 1 50  SER 50  50  50  SER SER A . n 
A 1 51  GLU 51  51  51  GLU GLU A . n 
A 1 52  GLN 52  52  52  GLN GLN A . n 
A 1 53  LEU 53  53  53  LEU LEU A . n 
A 1 54  ALA 54  54  54  ALA ALA A . n 
A 1 55  MET 55  55  55  MET MET A . n 
A 1 56  VAL 56  56  56  VAL VAL A . n 
A 1 57  LEU 57  57  57  LEU LEU A . n 
A 1 58  GLN 58  58  58  GLN GLN A . n 
A 1 59  VAL 59  59  59  VAL VAL A . n 
A 1 60  PRO 60  60  60  PRO PRO A . n 
A 1 61  MET 61  61  61  MET MET A . n 
A 1 62  ALA 62  62  62  ALA ALA A . n 
A 1 63  TYR 63  63  63  TYR TYR A . n 
A 1 64  LEU 64  64  64  LEU LEU A . n 
A 1 65  TYR 65  65  65  TYR TYR A . n 
A 1 66  CYS 66  66  66  CYS CYS A . n 
A 1 67  PRO 67  67  67  PRO PRO A . n 
A 1 68  GLU 68  68  68  GLU GLU A . n 
A 1 69  ASP 69  69  69  ASP ASP A . n 
A 1 70  GLU 70  70  70  GLU GLU A . n 
A 1 71  LEU 71  71  71  LEU LEU A . n 
A 1 72  ALA 72  72  72  ALA ALA A . n 
A 1 73  GLU 73  73  73  GLU GLU A . n 
A 1 74  LEU 74  74  74  LEU LEU A . n 
A 1 75  ILE 75  75  75  ILE ILE A . n 
A 1 76  LEU 76  76  76  LEU LEU A . n 
A 1 77  LYS 77  77  77  LYS LYS A . n 
A 1 78  VAL 78  78  78  VAL VAL A . n 
A 1 79  SER 79  79  79  SER SER A . n 
A 1 80  SER 80  80  80  SER SER A . n 
A 1 81  LEU 81  81  81  LEU LEU A . n 
A 1 82  THR 82  82  82  THR THR A . n 
A 1 83  PRO 83  83  83  PRO PRO A . n 
A 1 84  GLU 84  84  84  GLU GLU A . n 
A 1 85  PHE 85  85  85  PHE PHE A . n 
A 1 86  LYS 86  86  86  LYS LYS A . n 
A 1 87  LYS 87  87  87  LYS LYS A . n 
A 1 88  GLU 88  88  88  GLU GLU A . n 
A 1 89  LEU 89  89  89  LEU LEU A . n 
A 1 90  THR 90  90  90  THR THR A . n 
A 1 91  ARG 91  91  91  ARG ARG A . n 
A 1 92  PHE 92  92  92  PHE PHE A . n 
A 1 93  ILE 93  93  93  ILE ILE A . n 
A 1 94  GLU 94  94  94  GLU GLU A . n 
A 1 95  GLN 95  95  95  GLN GLN A . n 
A 1 96  LEU 96  96  96  LEU LEU A . n 
A 1 97  LEU 97  97  97  LEU LEU A . n 
A 1 98  ALA 98  98  98  ALA ALA A . n 
A 1 99  ALA 99  99  99  ALA ALA A . n 
A 1 100 GLN 100 100 100 GLN GLN A . n 
A 1 101 GLY 101 101 101 GLY GLY A . n 
A 1 102 SER 102 102 ?   ?   ?   A . n 
A 1 103 THR 103 103 ?   ?   ?   A . n 
A 1 104 SER 104 104 ?   ?   ?   A . n 
A 1 105 ARG 105 105 ?   ?   ?   A . n 
A 1 106 GLN 106 106 ?   ?   ?   A . n 
A 1 107 PRO 107 107 ?   ?   ?   A . n 
A 1 108 VAL 108 108 ?   ?   ?   A . n 
A 1 109 ARG 109 109 ?   ?   ?   A . n 
A 1 110 THR 110 110 ?   ?   ?   A . n 
A 1 111 ARG 111 111 ?   ?   ?   A . n 
A 1 112 SER 112 112 ?   ?   ?   A . n 
A 1 113 GLU 113 113 ?   ?   ?   A . n 
A 1 114 LEU 114 114 ?   ?   ?   A . n 
A 1 115 LEU 115 115 ?   ?   ?   A . n 
A 1 116 GLU 116 116 ?   ?   ?   A . n 
A 1 117 HIS 117 117 ?   ?   ?   A . n 
A 1 118 HIS 118 118 ?   ?   ?   A . n 
A 1 119 HIS 119 119 ?   ?   ?   A . n 
A 1 120 HIS 120 120 ?   ?   ?   A . n 
A 1 121 HIS 121 121 ?   ?   ?   A . n 
A 1 122 HIS 122 122 ?   ?   ?   A . n 
# 
loop_
_pdbx_nonpoly_scheme.asym_id 
_pdbx_nonpoly_scheme.entity_id 
_pdbx_nonpoly_scheme.mon_id 
_pdbx_nonpoly_scheme.ndb_seq_num 
_pdbx_nonpoly_scheme.pdb_seq_num 
_pdbx_nonpoly_scheme.auth_seq_num 
_pdbx_nonpoly_scheme.pdb_mon_id 
_pdbx_nonpoly_scheme.auth_mon_id 
_pdbx_nonpoly_scheme.pdb_strand_id 
_pdbx_nonpoly_scheme.pdb_ins_code 
B 2 HOH 1  201 1  HOH HOH A . 
B 2 HOH 2  202 2  HOH HOH A . 
B 2 HOH 3  203 3  HOH HOH A . 
B 2 HOH 4  204 4  HOH HOH A . 
B 2 HOH 5  205 5  HOH HOH A . 
B 2 HOH 6  206 6  HOH HOH A . 
B 2 HOH 7  207 7  HOH HOH A . 
B 2 HOH 8  208 8  HOH HOH A . 
B 2 HOH 9  209 10 HOH HOH A . 
B 2 HOH 10 210 11 HOH HOH A . 
B 2 HOH 11 211 12 HOH HOH A . 
B 2 HOH 12 212 13 HOH HOH A . 
B 2 HOH 13 213 14 HOH HOH A . 
B 2 HOH 14 214 16 HOH HOH A . 
B 2 HOH 15 215 17 HOH HOH A . 
B 2 HOH 16 216 18 HOH HOH A . 
B 2 HOH 17 217 19 HOH HOH A . 
B 2 HOH 18 218 20 HOH HOH A . 
B 2 HOH 19 219 21 HOH HOH A . 
B 2 HOH 20 220 23 HOH HOH A . 
B 2 HOH 21 221 25 HOH HOH A . 
B 2 HOH 22 222 26 HOH HOH A . 
B 2 HOH 23 223 27 HOH HOH A . 
B 2 HOH 24 224 28 HOH HOH A . 
B 2 HOH 25 225 29 HOH HOH A . 
B 2 HOH 26 226 31 HOH HOH A . 
B 2 HOH 27 227 32 HOH HOH A . 
B 2 HOH 28 228 33 HOH HOH A . 
B 2 HOH 29 229 34 HOH HOH A . 
B 2 HOH 30 230 35 HOH HOH A . 
B 2 HOH 31 231 36 HOH HOH A . 
B 2 HOH 32 232 37 HOH HOH A . 
B 2 HOH 33 233 38 HOH HOH A . 
B 2 HOH 34 234 39 HOH HOH A . 
B 2 HOH 35 235 40 HOH HOH A . 
B 2 HOH 36 236 41 HOH HOH A . 
B 2 HOH 37 237 42 HOH HOH A . 
B 2 HOH 38 238 43 HOH HOH A . 
B 2 HOH 39 239 44 HOH HOH A . 
B 2 HOH 40 240 45 HOH HOH A . 
B 2 HOH 41 241 46 HOH HOH A . 
B 2 HOH 42 242 47 HOH HOH A . 
B 2 HOH 43 243 48 HOH HOH A . 
B 2 HOH 44 244 49 HOH HOH A . 
B 2 HOH 45 245 50 HOH HOH A . 
B 2 HOH 46 246 51 HOH HOH A . 
B 2 HOH 47 247 52 HOH HOH A . 
B 2 HOH 48 248 53 HOH HOH A . 
B 2 HOH 49 249 54 HOH HOH A . 
B 2 HOH 50 250 55 HOH HOH A . 
# 
_pdbx_struct_assembly.id                   1 
_pdbx_struct_assembly.details              author_and_software_defined_assembly 
_pdbx_struct_assembly.method_details       PISA 
_pdbx_struct_assembly.oligomeric_details   dimeric 
_pdbx_struct_assembly.oligomeric_count     2 
# 
_pdbx_struct_assembly_gen.assembly_id       1 
_pdbx_struct_assembly_gen.oper_expression   1,2 
_pdbx_struct_assembly_gen.asym_id_list      A,B 
# 
loop_
_pdbx_struct_assembly_prop.biol_id 
_pdbx_struct_assembly_prop.type 
_pdbx_struct_assembly_prop.value 
_pdbx_struct_assembly_prop.details 
1 'ABSA (A^2)' 2880  ? 
1 MORE         -35   ? 
1 'SSA (A^2)'  10970 ? 
# 
loop_
_pdbx_struct_oper_list.id 
_pdbx_struct_oper_list.type 
_pdbx_struct_oper_list.name 
_pdbx_struct_oper_list.symmetry_operation 
_pdbx_struct_oper_list.matrix[1][1] 
_pdbx_struct_oper_list.matrix[1][2] 
_pdbx_struct_oper_list.matrix[1][3] 
_pdbx_struct_oper_list.vector[1] 
_pdbx_struct_oper_list.matrix[2][1] 
_pdbx_struct_oper_list.matrix[2][2] 
_pdbx_struct_oper_list.matrix[2][3] 
_pdbx_struct_oper_list.vector[2] 
_pdbx_struct_oper_list.matrix[3][1] 
_pdbx_struct_oper_list.matrix[3][2] 
_pdbx_struct_oper_list.matrix[3][3] 
_pdbx_struct_oper_list.vector[3] 
1 'identity operation'         1_555 x,y,z     1.0000000000  0.0000000000 0.0000000000  0.0000000000 0.0000000000 1.0000000000 0.0000000000  0.0000000000 0.0000000000  0.0000000000  1.0000000000  0.0000000000  
2 'crystal symmetry operation' 2_554 -x,y,-z-1 -0.8820192821 0.4457314440 -0.1528576655 5.3086677211 0.4457314440 0.6839744972 -0.5774966381 3.7806336893 -0.1528576655 -0.5774966381 -0.8019552152 15.1216998843 
# 
loop_
_pdbx_audit_revision_history.ordinal 
_pdbx_audit_revision_history.data_content_type 
_pdbx_audit_revision_history.major_revision 
_pdbx_audit_revision_history.minor_revision 
_pdbx_audit_revision_history.revision_date 
1 'Structure model' 1 0 2014-02-12 
2 'Structure model' 1 1 2022-08-24 
3 'Structure model' 1 2 2023-11-08 
# 
_pdbx_audit_revision_details.ordinal             1 
_pdbx_audit_revision_details.revision_ordinal    1 
_pdbx_audit_revision_details.data_content_type   'Structure model' 
_pdbx_audit_revision_details.provider            repository 
_pdbx_audit_revision_details.type                'Initial release' 
_pdbx_audit_revision_details.description         ? 
_pdbx_audit_revision_details.details             ? 
# 
loop_
_pdbx_audit_revision_group.ordinal 
_pdbx_audit_revision_group.revision_ordinal 
_pdbx_audit_revision_group.data_content_type 
_pdbx_audit_revision_group.group 
1 2 'Structure model' 'Database references'    
2 3 'Structure model' 'Data collection'        
3 3 'Structure model' 'Refinement description' 
# 
loop_
_pdbx_audit_revision_category.ordinal 
_pdbx_audit_revision_category.revision_ordinal 
_pdbx_audit_revision_category.data_content_type 
_pdbx_audit_revision_category.category 
1 2 'Structure model' citation                      
2 2 'Structure model' citation_author               
3 2 'Structure model' database_2                    
4 2 'Structure model' struct_ref_seq_dif            
5 3 'Structure model' chem_comp_atom                
6 3 'Structure model' chem_comp_bond                
7 3 'Structure model' pdbx_initial_refinement_model 
# 
loop_
_pdbx_audit_revision_item.ordinal 
_pdbx_audit_revision_item.revision_ordinal 
_pdbx_audit_revision_item.data_content_type 
_pdbx_audit_revision_item.item 
1 2 'Structure model' '_citation.journal_volume'            
2 2 'Structure model' '_citation.page_first'                
3 2 'Structure model' '_citation.page_last'                 
4 2 'Structure model' '_citation_author.name'               
5 2 'Structure model' '_database_2.pdbx_DOI'                
6 2 'Structure model' '_database_2.pdbx_database_accession' 
7 2 'Structure model' '_struct_ref_seq_dif.details'         
# 
loop_
_software.name 
_software.classification 
_software.version 
_software.citation_id 
_software.pdbx_ordinal 
CrystalClear 'data collection' . ? 1 
BALBES       phasing           . ? 2 
CNS          refinement        . ? 3 
MOSFLM       'data reduction'  . ? 4 
SCALA        'data scaling'    . ? 5 
# 
_pdbx_validate_torsion.id              1 
_pdbx_validate_torsion.PDB_model_num   1 
_pdbx_validate_torsion.auth_comp_id    GLN 
_pdbx_validate_torsion.auth_asym_id    A 
_pdbx_validate_torsion.auth_seq_id     100 
_pdbx_validate_torsion.PDB_ins_code    ? 
_pdbx_validate_torsion.label_alt_id    ? 
_pdbx_validate_torsion.phi             73.94 
_pdbx_validate_torsion.psi             114.22 
# 
loop_
_pdbx_unobs_or_zero_occ_residues.id 
_pdbx_unobs_or_zero_occ_residues.PDB_model_num 
_pdbx_unobs_or_zero_occ_residues.polymer_flag 
_pdbx_unobs_or_zero_occ_residues.occupancy_flag 
_pdbx_unobs_or_zero_occ_residues.auth_asym_id 
_pdbx_unobs_or_zero_occ_residues.auth_comp_id 
_pdbx_unobs_or_zero_occ_residues.auth_seq_id 
_pdbx_unobs_or_zero_occ_residues.PDB_ins_code 
_pdbx_unobs_or_zero_occ_residues.label_asym_id 
_pdbx_unobs_or_zero_occ_residues.label_comp_id 
_pdbx_unobs_or_zero_occ_residues.label_seq_id 
1  1 Y 1 A SER 102 ? A SER 102 
2  1 Y 1 A THR 103 ? A THR 103 
3  1 Y 1 A SER 104 ? A SER 104 
4  1 Y 1 A ARG 105 ? A ARG 105 
5  1 Y 1 A GLN 106 ? A GLN 106 
6  1 Y 1 A PRO 107 ? A PRO 107 
7  1 Y 1 A VAL 108 ? A VAL 108 
8  1 Y 1 A ARG 109 ? A ARG 109 
9  1 Y 1 A THR 110 ? A THR 110 
10 1 Y 1 A ARG 111 ? A ARG 111 
11 1 Y 1 A SER 112 ? A SER 112 
12 1 Y 1 A GLU 113 ? A GLU 113 
13 1 Y 1 A LEU 114 ? A LEU 114 
14 1 Y 1 A LEU 115 ? A LEU 115 
15 1 Y 1 A GLU 116 ? A GLU 116 
16 1 Y 1 A HIS 117 ? A HIS 117 
17 1 Y 1 A HIS 118 ? A HIS 118 
18 1 Y 1 A HIS 119 ? A HIS 119 
19 1 Y 1 A HIS 120 ? A HIS 120 
20 1 Y 1 A HIS 121 ? A HIS 121 
21 1 Y 1 A HIS 122 ? A HIS 122 
# 
loop_
_chem_comp_atom.comp_id 
_chem_comp_atom.atom_id 
_chem_comp_atom.type_symbol 
_chem_comp_atom.pdbx_aromatic_flag 
_chem_comp_atom.pdbx_stereo_config 
_chem_comp_atom.pdbx_ordinal 
ALA N    N N N 1   
ALA CA   C N S 2   
ALA C    C N N 3   
ALA O    O N N 4   
ALA CB   C N N 5   
ALA OXT  O N N 6   
ALA H    H N N 7   
ALA H2   H N N 8   
ALA HA   H N N 9   
ALA HB1  H N N 10  
ALA HB2  H N N 11  
ALA HB3  H N N 12  
ALA HXT  H N N 13  
ARG N    N N N 14  
ARG CA   C N S 15  
ARG C    C N N 16  
ARG O    O N N 17  
ARG CB   C N N 18  
ARG CG   C N N 19  
ARG CD   C N N 20  
ARG NE   N N N 21  
ARG CZ   C N N 22  
ARG NH1  N N N 23  
ARG NH2  N N N 24  
ARG OXT  O N N 25  
ARG H    H N N 26  
ARG H2   H N N 27  
ARG HA   H N N 28  
ARG HB2  H N N 29  
ARG HB3  H N N 30  
ARG HG2  H N N 31  
ARG HG3  H N N 32  
ARG HD2  H N N 33  
ARG HD3  H N N 34  
ARG HE   H N N 35  
ARG HH11 H N N 36  
ARG HH12 H N N 37  
ARG HH21 H N N 38  
ARG HH22 H N N 39  
ARG HXT  H N N 40  
ASN N    N N N 41  
ASN CA   C N S 42  
ASN C    C N N 43  
ASN O    O N N 44  
ASN CB   C N N 45  
ASN CG   C N N 46  
ASN OD1  O N N 47  
ASN ND2  N N N 48  
ASN OXT  O N N 49  
ASN H    H N N 50  
ASN H2   H N N 51  
ASN HA   H N N 52  
ASN HB2  H N N 53  
ASN HB3  H N N 54  
ASN HD21 H N N 55  
ASN HD22 H N N 56  
ASN HXT  H N N 57  
ASP N    N N N 58  
ASP CA   C N S 59  
ASP C    C N N 60  
ASP O    O N N 61  
ASP CB   C N N 62  
ASP CG   C N N 63  
ASP OD1  O N N 64  
ASP OD2  O N N 65  
ASP OXT  O N N 66  
ASP H    H N N 67  
ASP H2   H N N 68  
ASP HA   H N N 69  
ASP HB2  H N N 70  
ASP HB3  H N N 71  
ASP HD2  H N N 72  
ASP HXT  H N N 73  
CYS N    N N N 74  
CYS CA   C N R 75  
CYS C    C N N 76  
CYS O    O N N 77  
CYS CB   C N N 78  
CYS SG   S N N 79  
CYS OXT  O N N 80  
CYS H    H N N 81  
CYS H2   H N N 82  
CYS HA   H N N 83  
CYS HB2  H N N 84  
CYS HB3  H N N 85  
CYS HG   H N N 86  
CYS HXT  H N N 87  
GLN N    N N N 88  
GLN CA   C N S 89  
GLN C    C N N 90  
GLN O    O N N 91  
GLN CB   C N N 92  
GLN CG   C N N 93  
GLN CD   C N N 94  
GLN OE1  O N N 95  
GLN NE2  N N N 96  
GLN OXT  O N N 97  
GLN H    H N N 98  
GLN H2   H N N 99  
GLN HA   H N N 100 
GLN HB2  H N N 101 
GLN HB3  H N N 102 
GLN HG2  H N N 103 
GLN HG3  H N N 104 
GLN HE21 H N N 105 
GLN HE22 H N N 106 
GLN HXT  H N N 107 
GLU N    N N N 108 
GLU CA   C N S 109 
GLU C    C N N 110 
GLU O    O N N 111 
GLU CB   C N N 112 
GLU CG   C N N 113 
GLU CD   C N N 114 
GLU OE1  O N N 115 
GLU OE2  O N N 116 
GLU OXT  O N N 117 
GLU H    H N N 118 
GLU H2   H N N 119 
GLU HA   H N N 120 
GLU HB2  H N N 121 
GLU HB3  H N N 122 
GLU HG2  H N N 123 
GLU HG3  H N N 124 
GLU HE2  H N N 125 
GLU HXT  H N N 126 
GLY N    N N N 127 
GLY CA   C N N 128 
GLY C    C N N 129 
GLY O    O N N 130 
GLY OXT  O N N 131 
GLY H    H N N 132 
GLY H2   H N N 133 
GLY HA2  H N N 134 
GLY HA3  H N N 135 
GLY HXT  H N N 136 
HIS N    N N N 137 
HIS CA   C N S 138 
HIS C    C N N 139 
HIS O    O N N 140 
HIS CB   C N N 141 
HIS CG   C Y N 142 
HIS ND1  N Y N 143 
HIS CD2  C Y N 144 
HIS CE1  C Y N 145 
HIS NE2  N Y N 146 
HIS OXT  O N N 147 
HIS H    H N N 148 
HIS H2   H N N 149 
HIS HA   H N N 150 
HIS HB2  H N N 151 
HIS HB3  H N N 152 
HIS HD1  H N N 153 
HIS HD2  H N N 154 
HIS HE1  H N N 155 
HIS HE2  H N N 156 
HIS HXT  H N N 157 
HOH O    O N N 158 
HOH H1   H N N 159 
HOH H2   H N N 160 
ILE N    N N N 161 
ILE CA   C N S 162 
ILE C    C N N 163 
ILE O    O N N 164 
ILE CB   C N S 165 
ILE CG1  C N N 166 
ILE CG2  C N N 167 
ILE CD1  C N N 168 
ILE OXT  O N N 169 
ILE H    H N N 170 
ILE H2   H N N 171 
ILE HA   H N N 172 
ILE HB   H N N 173 
ILE HG12 H N N 174 
ILE HG13 H N N 175 
ILE HG21 H N N 176 
ILE HG22 H N N 177 
ILE HG23 H N N 178 
ILE HD11 H N N 179 
ILE HD12 H N N 180 
ILE HD13 H N N 181 
ILE HXT  H N N 182 
LEU N    N N N 183 
LEU CA   C N S 184 
LEU C    C N N 185 
LEU O    O N N 186 
LEU CB   C N N 187 
LEU CG   C N N 188 
LEU CD1  C N N 189 
LEU CD2  C N N 190 
LEU OXT  O N N 191 
LEU H    H N N 192 
LEU H2   H N N 193 
LEU HA   H N N 194 
LEU HB2  H N N 195 
LEU HB3  H N N 196 
LEU HG   H N N 197 
LEU HD11 H N N 198 
LEU HD12 H N N 199 
LEU HD13 H N N 200 
LEU HD21 H N N 201 
LEU HD22 H N N 202 
LEU HD23 H N N 203 
LEU HXT  H N N 204 
LYS N    N N N 205 
LYS CA   C N S 206 
LYS C    C N N 207 
LYS O    O N N 208 
LYS CB   C N N 209 
LYS CG   C N N 210 
LYS CD   C N N 211 
LYS CE   C N N 212 
LYS NZ   N N N 213 
LYS OXT  O N N 214 
LYS H    H N N 215 
LYS H2   H N N 216 
LYS HA   H N N 217 
LYS HB2  H N N 218 
LYS HB3  H N N 219 
LYS HG2  H N N 220 
LYS HG3  H N N 221 
LYS HD2  H N N 222 
LYS HD3  H N N 223 
LYS HE2  H N N 224 
LYS HE3  H N N 225 
LYS HZ1  H N N 226 
LYS HZ2  H N N 227 
LYS HZ3  H N N 228 
LYS HXT  H N N 229 
MET N    N N N 230 
MET CA   C N S 231 
MET C    C N N 232 
MET O    O N N 233 
MET CB   C N N 234 
MET CG   C N N 235 
MET SD   S N N 236 
MET CE   C N N 237 
MET OXT  O N N 238 
MET H    H N N 239 
MET H2   H N N 240 
MET HA   H N N 241 
MET HB2  H N N 242 
MET HB3  H N N 243 
MET HG2  H N N 244 
MET HG3  H N N 245 
MET HE1  H N N 246 
MET HE2  H N N 247 
MET HE3  H N N 248 
MET HXT  H N N 249 
PHE N    N N N 250 
PHE CA   C N S 251 
PHE C    C N N 252 
PHE O    O N N 253 
PHE CB   C N N 254 
PHE CG   C Y N 255 
PHE CD1  C Y N 256 
PHE CD2  C Y N 257 
PHE CE1  C Y N 258 
PHE CE2  C Y N 259 
PHE CZ   C Y N 260 
PHE OXT  O N N 261 
PHE H    H N N 262 
PHE H2   H N N 263 
PHE HA   H N N 264 
PHE HB2  H N N 265 
PHE HB3  H N N 266 
PHE HD1  H N N 267 
PHE HD2  H N N 268 
PHE HE1  H N N 269 
PHE HE2  H N N 270 
PHE HZ   H N N 271 
PHE HXT  H N N 272 
PRO N    N N N 273 
PRO CA   C N S 274 
PRO C    C N N 275 
PRO O    O N N 276 
PRO CB   C N N 277 
PRO CG   C N N 278 
PRO CD   C N N 279 
PRO OXT  O N N 280 
PRO H    H N N 281 
PRO HA   H N N 282 
PRO HB2  H N N 283 
PRO HB3  H N N 284 
PRO HG2  H N N 285 
PRO HG3  H N N 286 
PRO HD2  H N N 287 
PRO HD3  H N N 288 
PRO HXT  H N N 289 
SER N    N N N 290 
SER CA   C N S 291 
SER C    C N N 292 
SER O    O N N 293 
SER CB   C N N 294 
SER OG   O N N 295 
SER OXT  O N N 296 
SER H    H N N 297 
SER H2   H N N 298 
SER HA   H N N 299 
SER HB2  H N N 300 
SER HB3  H N N 301 
SER HG   H N N 302 
SER HXT  H N N 303 
THR N    N N N 304 
THR CA   C N S 305 
THR C    C N N 306 
THR O    O N N 307 
THR CB   C N R 308 
THR OG1  O N N 309 
THR CG2  C N N 310 
THR OXT  O N N 311 
THR H    H N N 312 
THR H2   H N N 313 
THR HA   H N N 314 
THR HB   H N N 315 
THR HG1  H N N 316 
THR HG21 H N N 317 
THR HG22 H N N 318 
THR HG23 H N N 319 
THR HXT  H N N 320 
TYR N    N N N 321 
TYR CA   C N S 322 
TYR C    C N N 323 
TYR O    O N N 324 
TYR CB   C N N 325 
TYR CG   C Y N 326 
TYR CD1  C Y N 327 
TYR CD2  C Y N 328 
TYR CE1  C Y N 329 
TYR CE2  C Y N 330 
TYR CZ   C Y N 331 
TYR OH   O N N 332 
TYR OXT  O N N 333 
TYR H    H N N 334 
TYR H2   H N N 335 
TYR HA   H N N 336 
TYR HB2  H N N 337 
TYR HB3  H N N 338 
TYR HD1  H N N 339 
TYR HD2  H N N 340 
TYR HE1  H N N 341 
TYR HE2  H N N 342 
TYR HH   H N N 343 
TYR HXT  H N N 344 
VAL N    N N N 345 
VAL CA   C N S 346 
VAL C    C N N 347 
VAL O    O N N 348 
VAL CB   C N N 349 
VAL CG1  C N N 350 
VAL CG2  C N N 351 
VAL OXT  O N N 352 
VAL H    H N N 353 
VAL H2   H N N 354 
VAL HA   H N N 355 
VAL HB   H N N 356 
VAL HG11 H N N 357 
VAL HG12 H N N 358 
VAL HG13 H N N 359 
VAL HG21 H N N 360 
VAL HG22 H N N 361 
VAL HG23 H N N 362 
VAL HXT  H N N 363 
# 
loop_
_chem_comp_bond.comp_id 
_chem_comp_bond.atom_id_1 
_chem_comp_bond.atom_id_2 
_chem_comp_bond.value_order 
_chem_comp_bond.pdbx_aromatic_flag 
_chem_comp_bond.pdbx_stereo_config 
_chem_comp_bond.pdbx_ordinal 
ALA N   CA   sing N N 1   
ALA N   H    sing N N 2   
ALA N   H2   sing N N 3   
ALA CA  C    sing N N 4   
ALA CA  CB   sing N N 5   
ALA CA  HA   sing N N 6   
ALA C   O    doub N N 7   
ALA C   OXT  sing N N 8   
ALA CB  HB1  sing N N 9   
ALA CB  HB2  sing N N 10  
ALA CB  HB3  sing N N 11  
ALA OXT HXT  sing N N 12  
ARG N   CA   sing N N 13  
ARG N   H    sing N N 14  
ARG N   H2   sing N N 15  
ARG CA  C    sing N N 16  
ARG CA  CB   sing N N 17  
ARG CA  HA   sing N N 18  
ARG C   O    doub N N 19  
ARG C   OXT  sing N N 20  
ARG CB  CG   sing N N 21  
ARG CB  HB2  sing N N 22  
ARG CB  HB3  sing N N 23  
ARG CG  CD   sing N N 24  
ARG CG  HG2  sing N N 25  
ARG CG  HG3  sing N N 26  
ARG CD  NE   sing N N 27  
ARG CD  HD2  sing N N 28  
ARG CD  HD3  sing N N 29  
ARG NE  CZ   sing N N 30  
ARG NE  HE   sing N N 31  
ARG CZ  NH1  sing N N 32  
ARG CZ  NH2  doub N N 33  
ARG NH1 HH11 sing N N 34  
ARG NH1 HH12 sing N N 35  
ARG NH2 HH21 sing N N 36  
ARG NH2 HH22 sing N N 37  
ARG OXT HXT  sing N N 38  
ASN N   CA   sing N N 39  
ASN N   H    sing N N 40  
ASN N   H2   sing N N 41  
ASN CA  C    sing N N 42  
ASN CA  CB   sing N N 43  
ASN CA  HA   sing N N 44  
ASN C   O    doub N N 45  
ASN C   OXT  sing N N 46  
ASN CB  CG   sing N N 47  
ASN CB  HB2  sing N N 48  
ASN CB  HB3  sing N N 49  
ASN CG  OD1  doub N N 50  
ASN CG  ND2  sing N N 51  
ASN ND2 HD21 sing N N 52  
ASN ND2 HD22 sing N N 53  
ASN OXT HXT  sing N N 54  
ASP N   CA   sing N N 55  
ASP N   H    sing N N 56  
ASP N   H2   sing N N 57  
ASP CA  C    sing N N 58  
ASP CA  CB   sing N N 59  
ASP CA  HA   sing N N 60  
ASP C   O    doub N N 61  
ASP C   OXT  sing N N 62  
ASP CB  CG   sing N N 63  
ASP CB  HB2  sing N N 64  
ASP CB  HB3  sing N N 65  
ASP CG  OD1  doub N N 66  
ASP CG  OD2  sing N N 67  
ASP OD2 HD2  sing N N 68  
ASP OXT HXT  sing N N 69  
CYS N   CA   sing N N 70  
CYS N   H    sing N N 71  
CYS N   H2   sing N N 72  
CYS CA  C    sing N N 73  
CYS CA  CB   sing N N 74  
CYS CA  HA   sing N N 75  
CYS C   O    doub N N 76  
CYS C   OXT  sing N N 77  
CYS CB  SG   sing N N 78  
CYS CB  HB2  sing N N 79  
CYS CB  HB3  sing N N 80  
CYS SG  HG   sing N N 81  
CYS OXT HXT  sing N N 82  
GLN N   CA   sing N N 83  
GLN N   H    sing N N 84  
GLN N   H2   sing N N 85  
GLN CA  C    sing N N 86  
GLN CA  CB   sing N N 87  
GLN CA  HA   sing N N 88  
GLN C   O    doub N N 89  
GLN C   OXT  sing N N 90  
GLN CB  CG   sing N N 91  
GLN CB  HB2  sing N N 92  
GLN CB  HB3  sing N N 93  
GLN CG  CD   sing N N 94  
GLN CG  HG2  sing N N 95  
GLN CG  HG3  sing N N 96  
GLN CD  OE1  doub N N 97  
GLN CD  NE2  sing N N 98  
GLN NE2 HE21 sing N N 99  
GLN NE2 HE22 sing N N 100 
GLN OXT HXT  sing N N 101 
GLU N   CA   sing N N 102 
GLU N   H    sing N N 103 
GLU N   H2   sing N N 104 
GLU CA  C    sing N N 105 
GLU CA  CB   sing N N 106 
GLU CA  HA   sing N N 107 
GLU C   O    doub N N 108 
GLU C   OXT  sing N N 109 
GLU CB  CG   sing N N 110 
GLU CB  HB2  sing N N 111 
GLU CB  HB3  sing N N 112 
GLU CG  CD   sing N N 113 
GLU CG  HG2  sing N N 114 
GLU CG  HG3  sing N N 115 
GLU CD  OE1  doub N N 116 
GLU CD  OE2  sing N N 117 
GLU OE2 HE2  sing N N 118 
GLU OXT HXT  sing N N 119 
GLY N   CA   sing N N 120 
GLY N   H    sing N N 121 
GLY N   H2   sing N N 122 
GLY CA  C    sing N N 123 
GLY CA  HA2  sing N N 124 
GLY CA  HA3  sing N N 125 
GLY C   O    doub N N 126 
GLY C   OXT  sing N N 127 
GLY OXT HXT  sing N N 128 
HIS N   CA   sing N N 129 
HIS N   H    sing N N 130 
HIS N   H2   sing N N 131 
HIS CA  C    sing N N 132 
HIS CA  CB   sing N N 133 
HIS CA  HA   sing N N 134 
HIS C   O    doub N N 135 
HIS C   OXT  sing N N 136 
HIS CB  CG   sing N N 137 
HIS CB  HB2  sing N N 138 
HIS CB  HB3  sing N N 139 
HIS CG  ND1  sing Y N 140 
HIS CG  CD2  doub Y N 141 
HIS ND1 CE1  doub Y N 142 
HIS ND1 HD1  sing N N 143 
HIS CD2 NE2  sing Y N 144 
HIS CD2 HD2  sing N N 145 
HIS CE1 NE2  sing Y N 146 
HIS CE1 HE1  sing N N 147 
HIS NE2 HE2  sing N N 148 
HIS OXT HXT  sing N N 149 
HOH O   H1   sing N N 150 
HOH O   H2   sing N N 151 
ILE N   CA   sing N N 152 
ILE N   H    sing N N 153 
ILE N   H2   sing N N 154 
ILE CA  C    sing N N 155 
ILE CA  CB   sing N N 156 
ILE CA  HA   sing N N 157 
ILE C   O    doub N N 158 
ILE C   OXT  sing N N 159 
ILE CB  CG1  sing N N 160 
ILE CB  CG2  sing N N 161 
ILE CB  HB   sing N N 162 
ILE CG1 CD1  sing N N 163 
ILE CG1 HG12 sing N N 164 
ILE CG1 HG13 sing N N 165 
ILE CG2 HG21 sing N N 166 
ILE CG2 HG22 sing N N 167 
ILE CG2 HG23 sing N N 168 
ILE CD1 HD11 sing N N 169 
ILE CD1 HD12 sing N N 170 
ILE CD1 HD13 sing N N 171 
ILE OXT HXT  sing N N 172 
LEU N   CA   sing N N 173 
LEU N   H    sing N N 174 
LEU N   H2   sing N N 175 
LEU CA  C    sing N N 176 
LEU CA  CB   sing N N 177 
LEU CA  HA   sing N N 178 
LEU C   O    doub N N 179 
LEU C   OXT  sing N N 180 
LEU CB  CG   sing N N 181 
LEU CB  HB2  sing N N 182 
LEU CB  HB3  sing N N 183 
LEU CG  CD1  sing N N 184 
LEU CG  CD2  sing N N 185 
LEU CG  HG   sing N N 186 
LEU CD1 HD11 sing N N 187 
LEU CD1 HD12 sing N N 188 
LEU CD1 HD13 sing N N 189 
LEU CD2 HD21 sing N N 190 
LEU CD2 HD22 sing N N 191 
LEU CD2 HD23 sing N N 192 
LEU OXT HXT  sing N N 193 
LYS N   CA   sing N N 194 
LYS N   H    sing N N 195 
LYS N   H2   sing N N 196 
LYS CA  C    sing N N 197 
LYS CA  CB   sing N N 198 
LYS CA  HA   sing N N 199 
LYS C   O    doub N N 200 
LYS C   OXT  sing N N 201 
LYS CB  CG   sing N N 202 
LYS CB  HB2  sing N N 203 
LYS CB  HB3  sing N N 204 
LYS CG  CD   sing N N 205 
LYS CG  HG2  sing N N 206 
LYS CG  HG3  sing N N 207 
LYS CD  CE   sing N N 208 
LYS CD  HD2  sing N N 209 
LYS CD  HD3  sing N N 210 
LYS CE  NZ   sing N N 211 
LYS CE  HE2  sing N N 212 
LYS CE  HE3  sing N N 213 
LYS NZ  HZ1  sing N N 214 
LYS NZ  HZ2  sing N N 215 
LYS NZ  HZ3  sing N N 216 
LYS OXT HXT  sing N N 217 
MET N   CA   sing N N 218 
MET N   H    sing N N 219 
MET N   H2   sing N N 220 
MET CA  C    sing N N 221 
MET CA  CB   sing N N 222 
MET CA  HA   sing N N 223 
MET C   O    doub N N 224 
MET C   OXT  sing N N 225 
MET CB  CG   sing N N 226 
MET CB  HB2  sing N N 227 
MET CB  HB3  sing N N 228 
MET CG  SD   sing N N 229 
MET CG  HG2  sing N N 230 
MET CG  HG3  sing N N 231 
MET SD  CE   sing N N 232 
MET CE  HE1  sing N N 233 
MET CE  HE2  sing N N 234 
MET CE  HE3  sing N N 235 
MET OXT HXT  sing N N 236 
PHE N   CA   sing N N 237 
PHE N   H    sing N N 238 
PHE N   H2   sing N N 239 
PHE CA  C    sing N N 240 
PHE CA  CB   sing N N 241 
PHE CA  HA   sing N N 242 
PHE C   O    doub N N 243 
PHE C   OXT  sing N N 244 
PHE CB  CG   sing N N 245 
PHE CB  HB2  sing N N 246 
PHE CB  HB3  sing N N 247 
PHE CG  CD1  doub Y N 248 
PHE CG  CD2  sing Y N 249 
PHE CD1 CE1  sing Y N 250 
PHE CD1 HD1  sing N N 251 
PHE CD2 CE2  doub Y N 252 
PHE CD2 HD2  sing N N 253 
PHE CE1 CZ   doub Y N 254 
PHE CE1 HE1  sing N N 255 
PHE CE2 CZ   sing Y N 256 
PHE CE2 HE2  sing N N 257 
PHE CZ  HZ   sing N N 258 
PHE OXT HXT  sing N N 259 
PRO N   CA   sing N N 260 
PRO N   CD   sing N N 261 
PRO N   H    sing N N 262 
PRO CA  C    sing N N 263 
PRO CA  CB   sing N N 264 
PRO CA  HA   sing N N 265 
PRO C   O    doub N N 266 
PRO C   OXT  sing N N 267 
PRO CB  CG   sing N N 268 
PRO CB  HB2  sing N N 269 
PRO CB  HB3  sing N N 270 
PRO CG  CD   sing N N 271 
PRO CG  HG2  sing N N 272 
PRO CG  HG3  sing N N 273 
PRO CD  HD2  sing N N 274 
PRO CD  HD3  sing N N 275 
PRO OXT HXT  sing N N 276 
SER N   CA   sing N N 277 
SER N   H    sing N N 278 
SER N   H2   sing N N 279 
SER CA  C    sing N N 280 
SER CA  CB   sing N N 281 
SER CA  HA   sing N N 282 
SER C   O    doub N N 283 
SER C   OXT  sing N N 284 
SER CB  OG   sing N N 285 
SER CB  HB2  sing N N 286 
SER CB  HB3  sing N N 287 
SER OG  HG   sing N N 288 
SER OXT HXT  sing N N 289 
THR N   CA   sing N N 290 
THR N   H    sing N N 291 
THR N   H2   sing N N 292 
THR CA  C    sing N N 293 
THR CA  CB   sing N N 294 
THR CA  HA   sing N N 295 
THR C   O    doub N N 296 
THR C   OXT  sing N N 297 
THR CB  OG1  sing N N 298 
THR CB  CG2  sing N N 299 
THR CB  HB   sing N N 300 
THR OG1 HG1  sing N N 301 
THR CG2 HG21 sing N N 302 
THR CG2 HG22 sing N N 303 
THR CG2 HG23 sing N N 304 
THR OXT HXT  sing N N 305 
TYR N   CA   sing N N 306 
TYR N   H    sing N N 307 
TYR N   H2   sing N N 308 
TYR CA  C    sing N N 309 
TYR CA  CB   sing N N 310 
TYR CA  HA   sing N N 311 
TYR C   O    doub N N 312 
TYR C   OXT  sing N N 313 
TYR CB  CG   sing N N 314 
TYR CB  HB2  sing N N 315 
TYR CB  HB3  sing N N 316 
TYR CG  CD1  doub Y N 317 
TYR CG  CD2  sing Y N 318 
TYR CD1 CE1  sing Y N 319 
TYR CD1 HD1  sing N N 320 
TYR CD2 CE2  doub Y N 321 
TYR CD2 HD2  sing N N 322 
TYR CE1 CZ   doub Y N 323 
TYR CE1 HE1  sing N N 324 
TYR CE2 CZ   sing Y N 325 
TYR CE2 HE2  sing N N 326 
TYR CZ  OH   sing N N 327 
TYR OH  HH   sing N N 328 
TYR OXT HXT  sing N N 329 
VAL N   CA   sing N N 330 
VAL N   H    sing N N 331 
VAL N   H2   sing N N 332 
VAL CA  C    sing N N 333 
VAL CA  CB   sing N N 334 
VAL CA  HA   sing N N 335 
VAL C   O    doub N N 336 
VAL C   OXT  sing N N 337 
VAL CB  CG1  sing N N 338 
VAL CB  CG2  sing N N 339 
VAL CB  HB   sing N N 340 
VAL CG1 HG11 sing N N 341 
VAL CG1 HG12 sing N N 342 
VAL CG1 HG13 sing N N 343 
VAL CG2 HG21 sing N N 344 
VAL CG2 HG22 sing N N 345 
VAL CG2 HG23 sing N N 346 
VAL OXT HXT  sing N N 347 
# 
_pdbx_entity_nonpoly.entity_id   2 
_pdbx_entity_nonpoly.name        water 
_pdbx_entity_nonpoly.comp_id     HOH 
# 
_pdbx_initial_refinement_model.id               1 
_pdbx_initial_refinement_model.entity_id_list   ? 
_pdbx_initial_refinement_model.type             'experimental model' 
_pdbx_initial_refinement_model.source_name      PDB 
_pdbx_initial_refinement_model.accession_code   3LFP 
_pdbx_initial_refinement_model.details          ? 
# 
